data_4TRT
#
_entry.id   4TRT
#
_cell.length_a   84.410
_cell.length_b   84.410
_cell.length_c   198.740
_cell.angle_alpha   90.000
_cell.angle_beta   90.000
_cell.angle_gamma   120.000
#
_symmetry.space_group_name_H-M   'P 32 2 1'
#
loop_
_entity.id
_entity.type
_entity.pdbx_description
1 polymer 'DNA polymerase III subunit beta'
2 water water
#
_entity_poly.entity_id   1
_entity_poly.type   'polypeptide(L)'
_entity_poly.pdbx_seq_one_letter_code
;VMKANVTKKTLNEGLGLLERVIPSRSSNPLLTALKVETSEGGLTLSGTNLEIDLSCFVPAEVQQPENFVVPAHLFAQIVR
NLGGELVELELSGQELSVRSGGSDFKLQTGDIEAYPPLSFPAQADVSLDGGELSRAFSSVRYAASNEAFQAVFRGIKLEH
HGESARVVASDGYRVAIRDFPASGDGKNLIIPARSVDELIRVLKDGEARFTYGDGMLTVTTDRVKMNLKLLDGDFPDYER
VIPKDIKLQVTLPATALKEAVNRVAVLADKNANNRVEFLVSEGTLRLAAEGDYGRAQDTLSVTQGGTEQAMSLAFNARHV
LDALGPIDGDAELLFSGSTSPAIFRAVGGGGGYMAVMVTLRVENLYFQ
;
_entity_poly.pdbx_strand_id   A,B
#
# COMPACT_ATOMS: atom_id res chain seq x y z
N VAL A 1 35.03 -17.21 -19.98
CA VAL A 1 33.57 -16.89 -20.01
C VAL A 1 33.37 -15.42 -19.66
N MET A 2 32.23 -14.87 -20.02
CA MET A 2 31.90 -13.50 -19.61
C MET A 2 31.71 -13.39 -18.10
N LYS A 3 32.33 -12.38 -17.52
CA LYS A 3 32.23 -12.09 -16.09
C LYS A 3 32.16 -10.57 -15.90
N ALA A 4 31.24 -10.11 -15.04
CA ALA A 4 31.12 -8.70 -14.74
C ALA A 4 31.06 -8.47 -13.23
N ASN A 5 31.71 -7.40 -12.77
CA ASN A 5 31.58 -6.97 -11.38
C ASN A 5 30.87 -5.64 -11.36
N VAL A 6 29.77 -5.57 -10.61
CA VAL A 6 28.91 -4.41 -10.60
C VAL A 6 28.44 -4.14 -9.15
N THR A 7 28.19 -2.88 -8.84
CA THR A 7 27.63 -2.48 -7.56
C THR A 7 26.15 -2.83 -7.53
N LYS A 8 25.68 -3.44 -6.45
CA LYS A 8 24.28 -3.81 -6.33
C LYS A 8 23.37 -2.58 -6.43
N LYS A 9 23.75 -1.50 -5.75
CA LYS A 9 22.97 -0.26 -5.71
C LYS A 9 22.68 0.26 -7.12
N THR A 10 23.69 0.25 -7.96
CA THR A 10 23.55 0.79 -9.29
C THR A 10 22.76 -0.16 -10.18
N LEU A 11 23.02 -1.46 -10.06
CA LEU A 11 22.28 -2.44 -10.83
C LEU A 11 20.80 -2.43 -10.44
N ASN A 12 20.52 -2.31 -9.14
CA ASN A 12 19.14 -2.15 -8.64
C ASN A 12 18.43 -0.97 -9.26
N GLU A 13 19.11 0.16 -9.36
CA GLU A 13 18.49 1.35 -9.93
C GLU A 13 18.08 1.12 -11.37
N GLY A 14 18.97 0.55 -12.16
CA GLY A 14 18.68 0.29 -13.55
C GLY A 14 17.56 -0.71 -13.73
N LEU A 15 17.65 -1.82 -13.01
CA LEU A 15 16.66 -2.88 -13.12
C LEU A 15 15.29 -2.44 -12.66
N GLY A 16 15.26 -1.59 -11.65
CA GLY A 16 14.03 -0.99 -11.15
C GLY A 16 13.31 -0.17 -12.22
N LEU A 17 14.08 0.58 -13.00
CA LEU A 17 13.52 1.37 -14.08
C LEU A 17 12.98 0.46 -15.18
N LEU A 18 13.76 -0.55 -15.56
CA LEU A 18 13.40 -1.43 -16.65
C LEU A 18 12.23 -2.35 -16.31
N GLU A 19 12.15 -2.82 -15.07
CA GLU A 19 11.07 -3.70 -14.68
C GLU A 19 9.71 -3.00 -14.66
N ARG A 20 9.69 -1.68 -14.48
CA ARG A 20 8.42 -0.96 -14.56
C ARG A 20 7.90 -0.81 -15.99
N VAL A 21 8.79 -0.84 -16.99
CA VAL A 21 8.43 -0.77 -18.42
C VAL A 21 8.16 -2.15 -19.04
N ILE A 22 9.09 -3.08 -18.83
CA ILE A 22 8.96 -4.41 -19.41
C ILE A 22 7.74 -5.10 -18.78
N PRO A 23 6.85 -5.68 -19.62
CA PRO A 23 5.72 -6.44 -19.07
C PRO A 23 6.15 -7.68 -18.30
N SER A 24 5.41 -8.02 -17.25
CA SER A 24 5.67 -9.24 -16.49
C SER A 24 4.98 -10.45 -17.11
N ARG A 25 3.95 -10.21 -17.93
CA ARG A 25 3.20 -11.27 -18.60
C ARG A 25 2.99 -10.95 -20.07
N SER A 26 3.22 -11.90 -20.96
CA SER A 26 2.90 -11.71 -22.39
C SER A 26 2.80 -13.02 -23.14
N SER A 27 1.90 -13.08 -24.12
CA SER A 27 1.84 -14.23 -25.03
C SER A 27 3.10 -14.28 -25.92
N ASN A 28 3.80 -13.14 -26.04
CA ASN A 28 5.12 -13.07 -26.67
C ASN A 28 6.18 -13.46 -25.66
N PRO A 29 6.84 -14.62 -25.85
CA PRO A 29 7.74 -15.10 -24.81
C PRO A 29 8.96 -14.22 -24.55
N LEU A 30 9.35 -13.39 -25.52
CA LEU A 30 10.53 -12.54 -25.39
C LEU A 30 10.22 -11.14 -24.91
N LEU A 31 8.96 -10.72 -24.97
CA LEU A 31 8.58 -9.36 -24.60
C LEU A 31 8.83 -9.09 -23.10
N THR A 32 8.80 -10.15 -22.30
CA THR A 32 9.03 -10.08 -20.86
C THR A 32 10.52 -10.13 -20.51
N ALA A 33 11.39 -10.25 -21.51
CA ALA A 33 12.82 -10.36 -21.30
C ALA A 33 13.51 -8.99 -21.16
N LEU A 34 14.61 -9.01 -20.42
CA LEU A 34 15.54 -7.89 -20.34
C LEU A 34 16.70 -8.27 -21.24
N LYS A 35 17.12 -7.33 -22.09
CA LYS A 35 18.34 -7.54 -22.86
C LYS A 35 19.50 -6.89 -22.12
N VAL A 36 20.61 -7.63 -22.03
CA VAL A 36 21.81 -7.12 -21.36
C VAL A 36 22.97 -7.15 -22.34
N GLU A 37 23.51 -5.98 -22.64
CA GLU A 37 24.62 -5.87 -23.55
C GLU A 37 25.80 -5.42 -22.72
N THR A 38 26.93 -6.08 -22.94
CA THR A 38 28.12 -5.81 -22.15
C THR A 38 29.21 -5.26 -23.06
N SER A 39 30.02 -4.39 -22.48
CA SER A 39 31.22 -3.87 -23.12
C SER A 39 32.20 -3.59 -21.98
N GLU A 40 33.37 -3.04 -22.30
CA GLU A 40 34.39 -2.77 -21.27
C GLU A 40 33.83 -1.89 -20.14
N GLY A 41 33.13 -0.80 -20.50
CA GLY A 41 32.70 0.22 -19.53
C GLY A 41 31.56 -0.20 -18.62
N GLY A 42 30.79 -1.18 -19.05
CA GLY A 42 29.68 -1.63 -18.25
C GLY A 42 28.60 -2.38 -18.99
N LEU A 43 27.43 -2.39 -18.38
CA LEU A 43 26.28 -3.13 -18.85
C LEU A 43 25.25 -2.14 -19.35
N THR A 44 24.66 -2.43 -20.50
CA THR A 44 23.50 -1.69 -20.98
C THR A 44 22.29 -2.62 -20.88
N LEU A 45 21.33 -2.21 -20.04
CA LEU A 45 20.10 -2.95 -19.79
C LEU A 45 19.01 -2.35 -20.66
N SER A 46 18.31 -3.16 -21.45
CA SER A 46 17.27 -2.61 -22.30
C SER A 46 16.05 -3.52 -22.46
N GLY A 47 14.93 -2.89 -22.83
CA GLY A 47 13.68 -3.60 -23.08
C GLY A 47 12.60 -2.70 -23.68
N THR A 48 11.44 -3.29 -23.95
CA THR A 48 10.36 -2.56 -24.58
C THR A 48 9.03 -3.06 -24.03
N ASN A 49 8.01 -2.20 -24.11
CA ASN A 49 6.62 -2.64 -23.92
C ASN A 49 5.80 -2.39 -25.19
N LEU A 50 6.51 -2.19 -26.29
CA LEU A 50 5.96 -1.93 -27.60
C LEU A 50 5.49 -0.49 -27.80
N GLU A 51 5.25 0.27 -26.72
CA GLU A 51 4.95 1.71 -26.86
C GLU A 51 6.19 2.56 -26.58
N ILE A 52 7.00 2.12 -25.65
CA ILE A 52 8.31 2.76 -25.45
C ILE A 52 9.42 1.73 -25.42
N ASP A 53 10.63 2.17 -25.75
CA ASP A 53 11.85 1.40 -25.52
C ASP A 53 12.65 2.15 -24.49
N LEU A 54 13.36 1.40 -23.65
CA LEU A 54 14.15 1.99 -22.59
C LEU A 54 15.49 1.27 -22.50
N SER A 55 16.54 2.06 -22.27
CA SER A 55 17.90 1.57 -22.11
C SER A 55 18.51 2.27 -20.92
N CYS A 56 19.20 1.53 -20.06
N CYS A 56 19.20 1.52 -20.07
CA CYS A 56 19.90 2.11 -18.93
CA CYS A 56 19.87 2.06 -18.89
C CYS A 56 21.31 1.56 -18.86
C CYS A 56 21.31 1.55 -18.87
N PHE A 57 22.27 2.45 -18.73
CA PHE A 57 23.67 2.06 -18.59
C PHE A 57 24.04 1.89 -17.11
N VAL A 58 24.70 0.78 -16.79
CA VAL A 58 25.20 0.54 -15.46
C VAL A 58 26.72 0.31 -15.54
N PRO A 59 27.51 1.23 -14.94
CA PRO A 59 28.97 1.03 -14.94
C PRO A 59 29.38 -0.29 -14.31
N ALA A 60 30.36 -0.96 -14.90
CA ALA A 60 30.81 -2.26 -14.43
C ALA A 60 32.15 -2.58 -15.03
N GLU A 61 32.86 -3.52 -14.40
CA GLU A 61 34.05 -4.06 -15.00
C GLU A 61 33.68 -5.39 -15.62
N VAL A 62 33.91 -5.52 -16.92
CA VAL A 62 33.49 -6.68 -17.68
C VAL A 62 34.68 -7.32 -18.41
N GLN A 63 34.76 -8.66 -18.39
CA GLN A 63 35.72 -9.38 -19.22
C GLN A 63 34.95 -10.26 -20.20
N GLN A 64 35.49 -10.39 -21.40
CA GLN A 64 34.91 -11.23 -22.46
C GLN A 64 33.42 -10.92 -22.67
N PRO A 65 33.11 -9.66 -23.07
CA PRO A 65 31.72 -9.24 -23.18
C PRO A 65 30.90 -10.10 -24.14
N GLU A 66 29.65 -10.33 -23.76
CA GLU A 66 28.72 -11.15 -24.51
C GLU A 66 27.33 -10.65 -24.13
N ASN A 67 26.38 -10.75 -25.06
CA ASN A 67 25.02 -10.27 -24.82
C ASN A 67 24.11 -11.44 -24.48
N PHE A 68 23.05 -11.19 -23.73
CA PHE A 68 22.11 -12.22 -23.35
C PHE A 68 20.76 -11.62 -22.97
N VAL A 69 19.74 -12.46 -22.89
CA VAL A 69 18.44 -12.09 -22.35
C VAL A 69 18.08 -12.97 -21.14
N VAL A 70 17.39 -12.37 -20.18
CA VAL A 70 16.88 -13.07 -19.00
C VAL A 70 15.51 -12.46 -18.67
N PRO A 71 14.64 -13.23 -17.99
CA PRO A 71 13.35 -12.67 -17.56
C PRO A 71 13.58 -11.45 -16.65
N ALA A 72 13.02 -10.30 -17.04
CA ALA A 72 13.34 -9.03 -16.41
C ALA A 72 12.95 -8.96 -14.94
N HIS A 73 11.74 -9.41 -14.59
CA HIS A 73 11.25 -9.25 -13.22
C HIS A 73 11.90 -10.19 -12.25
N LEU A 74 12.13 -11.41 -12.69
CA LEU A 74 12.85 -12.40 -11.89
C LEU A 74 14.28 -11.92 -11.60
N PHE A 75 14.98 -11.42 -12.61
CA PHE A 75 16.35 -10.95 -12.44
C PHE A 75 16.41 -9.76 -11.47
N ALA A 76 15.47 -8.84 -11.61
CA ALA A 76 15.39 -7.67 -10.72
C ALA A 76 15.13 -8.10 -9.27
N GLN A 77 14.26 -9.09 -9.11
CA GLN A 77 13.91 -9.59 -7.79
C GLN A 77 15.10 -10.28 -7.13
N ILE A 78 15.82 -11.09 -7.88
CA ILE A 78 17.00 -11.79 -7.36
C ILE A 78 18.05 -10.77 -6.90
N VAL A 79 18.29 -9.75 -7.70
CA VAL A 79 19.31 -8.75 -7.37
C VAL A 79 18.89 -7.94 -6.14
N ARG A 80 17.64 -7.53 -6.09
CA ARG A 80 17.11 -6.82 -4.93
C ARG A 80 17.29 -7.59 -3.63
N ASN A 81 17.07 -8.91 -3.68
CA ASN A 81 17.14 -9.75 -2.48
C ASN A 81 18.56 -10.11 -2.04
N LEU A 82 19.56 -9.82 -2.86
CA LEU A 82 20.92 -10.15 -2.51
C LEU A 82 21.35 -9.32 -1.29
N GLY A 83 22.14 -9.96 -0.44
CA GLY A 83 22.61 -9.33 0.79
C GLY A 83 23.74 -8.34 0.59
N GLY A 84 24.78 -8.74 -0.12
CA GLY A 84 26.02 -7.93 -0.17
C GLY A 84 25.87 -6.66 -1.00
N GLU A 85 26.93 -5.87 -1.10
CA GLU A 85 26.92 -4.65 -1.92
C GLU A 85 27.55 -4.81 -3.30
N LEU A 86 28.31 -5.89 -3.52
CA LEU A 86 29.00 -6.09 -4.77
C LEU A 86 28.51 -7.39 -5.41
N VAL A 87 28.19 -7.30 -6.70
CA VAL A 87 27.59 -8.42 -7.43
C VAL A 87 28.54 -8.92 -8.51
N GLU A 88 28.70 -10.23 -8.61
CA GLU A 88 29.41 -10.85 -9.73
C GLU A 88 28.40 -11.51 -10.67
N LEU A 89 28.48 -11.18 -11.95
CA LEU A 89 27.70 -11.83 -13.00
C LEU A 89 28.67 -12.70 -13.79
N GLU A 90 28.21 -13.89 -14.14
CA GLU A 90 28.97 -14.78 -15.01
C GLU A 90 28.00 -15.47 -15.97
N LEU A 91 28.38 -15.56 -17.25
CA LEU A 91 27.55 -16.20 -18.24
C LEU A 91 28.30 -17.39 -18.80
N SER A 92 27.73 -18.58 -18.58
CA SER A 92 28.32 -19.81 -19.04
C SER A 92 27.24 -20.67 -19.69
N GLY A 93 27.40 -20.94 -20.99
CA GLY A 93 26.34 -21.58 -21.77
C GLY A 93 25.08 -20.75 -21.73
N GLN A 94 23.96 -21.40 -21.37
CA GLN A 94 22.67 -20.72 -21.25
C GLN A 94 22.30 -20.41 -19.78
N GLU A 95 23.32 -20.16 -18.97
CA GLU A 95 23.12 -19.94 -17.55
C GLU A 95 23.83 -18.68 -17.09
N LEU A 96 23.07 -17.73 -16.54
CA LEU A 96 23.63 -16.55 -15.88
C LEU A 96 23.78 -16.80 -14.38
N SER A 97 25.01 -16.73 -13.89
CA SER A 97 25.27 -16.84 -12.46
C SER A 97 25.27 -15.44 -11.83
N VAL A 98 24.60 -15.30 -10.69
CA VAL A 98 24.52 -14.01 -9.99
C VAL A 98 24.95 -14.29 -8.55
N ARG A 99 26.09 -13.72 -8.15
CA ARG A 99 26.77 -14.10 -6.91
C ARG A 99 27.08 -12.89 -6.07
N SER A 100 26.90 -13.06 -4.77
CA SER A 100 27.37 -12.10 -3.77
C SER A 100 27.50 -12.85 -2.44
N GLY A 101 28.70 -12.84 -1.87
CA GLY A 101 29.01 -13.57 -0.64
C GLY A 101 28.60 -15.03 -0.71
N GLY A 102 27.73 -15.45 0.19
CA GLY A 102 27.28 -16.83 0.26
C GLY A 102 26.16 -17.15 -0.73
N SER A 103 25.63 -16.13 -1.42
CA SER A 103 24.52 -16.29 -2.35
C SER A 103 25.04 -16.64 -3.75
N ASP A 104 24.45 -17.66 -4.37
CA ASP A 104 24.81 -18.07 -5.73
C ASP A 104 23.52 -18.43 -6.44
N PHE A 105 23.09 -17.59 -7.38
CA PHE A 105 21.84 -17.77 -8.10
C PHE A 105 22.17 -18.06 -9.56
N LYS A 106 21.42 -18.97 -10.17
CA LYS A 106 21.56 -19.28 -11.60
C LYS A 106 20.24 -19.00 -12.29
N LEU A 107 20.26 -18.20 -13.35
CA LEU A 107 19.07 -17.99 -14.20
C LEU A 107 19.31 -18.56 -15.60
N GLN A 108 18.34 -19.31 -16.10
CA GLN A 108 18.34 -19.72 -17.50
C GLN A 108 18.18 -18.50 -18.39
N THR A 109 19.05 -18.36 -19.38
CA THR A 109 18.98 -17.24 -20.32
C THR A 109 18.10 -17.64 -21.50
N GLY A 110 17.65 -16.65 -22.28
CA GLY A 110 16.73 -16.89 -23.39
C GLY A 110 17.37 -16.76 -24.75
N ASP A 111 16.53 -16.62 -25.76
CA ASP A 111 16.97 -16.58 -27.15
C ASP A 111 17.33 -15.15 -27.54
N ILE A 112 18.55 -14.72 -27.21
CA ILE A 112 19.02 -13.36 -27.54
C ILE A 112 18.93 -13.08 -29.07
N GLU A 113 19.22 -14.09 -29.89
CA GLU A 113 19.17 -13.93 -31.36
C GLU A 113 17.78 -13.51 -31.85
N ALA A 114 16.73 -13.91 -31.16
CA ALA A 114 15.37 -13.56 -31.54
C ALA A 114 14.87 -12.25 -30.94
N TYR A 115 15.62 -11.64 -30.03
CA TYR A 115 15.20 -10.36 -29.44
C TYR A 115 15.51 -9.20 -30.41
N PRO A 116 14.56 -8.25 -30.60
CA PRO A 116 14.75 -7.20 -31.61
C PRO A 116 15.90 -6.25 -31.31
N PRO A 117 16.64 -5.82 -32.34
CA PRO A 117 17.63 -4.78 -32.10
C PRO A 117 16.90 -3.48 -31.76
N LEU A 118 17.21 -2.92 -30.59
CA LEU A 118 16.64 -1.62 -30.21
C LEU A 118 17.70 -0.56 -30.47
N SER A 119 17.32 0.51 -31.17
CA SER A 119 18.25 1.57 -31.57
C SER A 119 17.84 2.90 -30.93
N PHE A 120 18.79 3.56 -30.29
CA PHE A 120 18.55 4.84 -29.66
C PHE A 120 19.45 5.90 -30.32
N PRO A 121 18.88 6.76 -31.20
CA PRO A 121 19.69 7.84 -31.81
C PRO A 121 20.15 8.88 -30.81
N ALA A 122 21.27 9.55 -31.13
CA ALA A 122 21.98 10.41 -30.17
C ALA A 122 21.97 11.92 -30.47
N GLN A 123 21.73 12.31 -31.72
CA GLN A 123 21.83 13.72 -32.12
C GLN A 123 21.11 14.66 -31.14
N ALA A 124 21.88 15.57 -30.52
CA ALA A 124 21.32 16.49 -29.53
C ALA A 124 20.60 17.65 -30.22
N ASP A 125 19.33 17.47 -30.54
CA ASP A 125 18.55 18.51 -31.23
C ASP A 125 18.09 19.61 -30.28
N VAL A 126 17.66 19.23 -29.09
CA VAL A 126 17.33 20.19 -28.03
C VAL A 126 17.92 19.68 -26.72
N SER A 127 18.16 20.60 -25.81
CA SER A 127 18.65 20.29 -24.48
C SER A 127 17.85 21.10 -23.46
N LEU A 128 17.31 20.43 -22.45
CA LEU A 128 16.65 21.12 -21.32
C LEU A 128 17.00 20.44 -20.01
N ASP A 129 16.54 21.00 -18.90
CA ASP A 129 16.73 20.37 -17.60
C ASP A 129 15.63 19.32 -17.35
N GLY A 130 16.05 18.07 -17.11
CA GLY A 130 15.11 16.97 -16.90
C GLY A 130 14.21 17.11 -15.68
N GLY A 131 14.74 17.69 -14.61
CA GLY A 131 13.95 17.96 -13.40
C GLY A 131 12.85 18.98 -13.63
N GLU A 132 13.18 20.05 -14.35
CA GLU A 132 12.20 21.08 -14.70
C GLU A 132 11.13 20.45 -15.57
N LEU A 133 11.56 19.68 -16.57
CA LEU A 133 10.62 19.04 -17.49
C LEU A 133 9.71 18.06 -16.78
N SER A 134 10.26 17.25 -15.88
CA SER A 134 9.49 16.29 -15.11
C SER A 134 8.43 16.94 -14.23
N ARG A 135 8.79 17.99 -13.50
CA ARG A 135 7.83 18.67 -12.64
C ARG A 135 6.75 19.38 -13.50
N ALA A 136 7.11 19.90 -14.66
CA ALA A 136 6.13 20.47 -15.60
C ALA A 136 5.16 19.39 -16.09
N PHE A 137 5.69 18.26 -16.55
CA PHE A 137 4.86 17.11 -16.92
C PHE A 137 3.89 16.71 -15.83
N SER A 138 4.40 16.59 -14.60
CA SER A 138 3.60 16.13 -13.46
C SER A 138 2.51 17.13 -13.09
N SER A 139 2.73 18.41 -13.40
CA SER A 139 1.77 19.47 -13.10
C SER A 139 0.59 19.48 -14.06
N VAL A 140 0.78 19.00 -15.31
CA VAL A 140 -0.29 19.11 -16.34
C VAL A 140 -0.90 17.80 -16.79
N ARG A 141 -0.27 16.67 -16.45
CA ARG A 141 -0.62 15.35 -16.98
C ARG A 141 -2.07 14.94 -16.74
N TYR A 142 -2.61 15.24 -15.56
CA TYR A 142 -4.00 14.91 -15.24
C TYR A 142 -5.04 15.41 -16.26
N ALA A 143 -4.74 16.48 -16.98
CA ALA A 143 -5.73 17.10 -17.88
C ALA A 143 -5.91 16.36 -19.21
N ALA A 144 -4.94 15.52 -19.57
CA ALA A 144 -5.02 14.75 -20.80
C ALA A 144 -5.97 13.58 -20.60
N SER A 145 -6.76 13.26 -21.63
N SER A 145 -6.73 13.25 -21.64
CA SER A 145 -7.64 12.09 -21.57
CA SER A 145 -7.65 12.14 -21.58
C SER A 145 -7.47 11.22 -22.78
C SER A 145 -7.48 11.23 -22.79
N ASN A 146 -7.29 9.94 -22.50
CA ASN A 146 -7.19 8.91 -23.52
C ASN A 146 -8.51 8.71 -24.26
N GLU A 147 -9.60 9.23 -23.69
CA GLU A 147 -10.93 9.03 -24.23
C GLU A 147 -11.47 10.22 -25.04
N ALA A 148 -10.65 11.26 -25.23
CA ALA A 148 -11.10 12.44 -25.97
C ALA A 148 -11.38 12.06 -27.42
N PHE A 149 -12.40 12.68 -28.02
CA PHE A 149 -12.70 12.47 -29.43
C PHE A 149 -11.52 12.87 -30.31
N GLN A 150 -10.89 13.99 -29.96
CA GLN A 150 -9.72 14.47 -30.71
C GLN A 150 -8.49 13.78 -30.19
N ALA A 151 -7.85 13.00 -31.05
CA ALA A 151 -6.66 12.23 -30.66
C ALA A 151 -5.57 13.12 -30.03
N VAL A 152 -5.38 14.32 -30.57
CA VAL A 152 -4.36 15.22 -30.02
C VAL A 152 -4.52 15.47 -28.52
N PHE A 153 -5.75 15.45 -28.00
CA PHE A 153 -5.97 15.71 -26.56
C PHE A 153 -5.58 14.54 -25.66
N ARG A 154 -5.21 13.43 -26.29
CA ARG A 154 -4.72 12.27 -25.57
C ARG A 154 -3.23 12.44 -25.24
N GLY A 155 -2.61 13.51 -25.72
CA GLY A 155 -1.20 13.76 -25.45
C GLY A 155 -0.92 15.09 -24.77
N ILE A 156 0.34 15.31 -24.43
CA ILE A 156 0.77 16.55 -23.80
C ILE A 156 1.57 17.35 -24.85
N LYS A 157 1.18 18.60 -25.07
CA LYS A 157 1.89 19.46 -26.00
C LYS A 157 3.13 20.04 -25.32
N LEU A 158 4.26 20.04 -26.03
CA LEU A 158 5.44 20.79 -25.61
C LEU A 158 5.67 21.91 -26.62
N GLU A 159 5.77 23.15 -26.12
CA GLU A 159 6.04 24.34 -26.94
C GLU A 159 7.38 24.94 -26.53
N HIS A 160 8.15 25.38 -27.52
CA HIS A 160 9.38 26.15 -27.24
C HIS A 160 9.20 27.62 -27.54
N HIS A 161 9.72 28.46 -26.64
CA HIS A 161 9.65 29.93 -26.77
C HIS A 161 10.97 30.54 -26.35
N GLY A 162 12.05 30.17 -27.02
CA GLY A 162 13.34 30.83 -26.82
C GLY A 162 14.00 30.53 -25.48
N GLU A 163 13.85 31.46 -24.53
CA GLU A 163 14.40 31.29 -23.19
C GLU A 163 13.55 30.36 -22.30
N SER A 164 12.36 29.98 -22.76
CA SER A 164 11.49 29.13 -21.95
C SER A 164 10.66 28.19 -22.83
N ALA A 165 10.06 27.21 -22.17
CA ALA A 165 9.22 26.23 -22.82
C ALA A 165 7.93 26.07 -22.00
N ARG A 166 6.96 25.36 -22.57
CA ARG A 166 5.66 25.20 -21.95
C ARG A 166 5.11 23.83 -22.26
N VAL A 167 4.49 23.19 -21.26
CA VAL A 167 3.69 21.99 -21.52
C VAL A 167 2.23 22.30 -21.25
N VAL A 168 1.37 21.68 -22.06
CA VAL A 168 -0.07 21.93 -22.00
C VAL A 168 -0.82 20.61 -22.18
N ALA A 169 -1.84 20.40 -21.35
CA ALA A 169 -2.77 19.31 -21.54
C ALA A 169 -4.21 19.82 -21.41
N SER A 170 -5.14 19.12 -22.06
CA SER A 170 -6.51 19.52 -22.09
C SER A 170 -7.42 18.40 -22.58
N ASP A 171 -8.69 18.50 -22.21
CA ASP A 171 -9.76 17.69 -22.81
C ASP A 171 -10.70 18.55 -23.66
N GLY A 172 -10.27 19.74 -24.05
CA GLY A 172 -11.11 20.69 -24.80
C GLY A 172 -11.87 21.67 -23.92
N TYR A 173 -11.92 21.40 -22.62
CA TYR A 173 -12.67 22.21 -21.67
C TYR A 173 -11.76 22.67 -20.53
N ARG A 174 -11.28 21.73 -19.71
CA ARG A 174 -10.22 22.08 -18.75
C ARG A 174 -8.86 22.07 -19.42
N VAL A 175 -7.94 22.86 -18.86
CA VAL A 175 -6.61 23.02 -19.40
C VAL A 175 -5.64 23.10 -18.23
N ALA A 176 -4.46 22.51 -18.41
CA ALA A 176 -3.37 22.64 -17.45
C ALA A 176 -2.14 23.06 -18.24
N ILE A 177 -1.44 24.07 -17.72
CA ILE A 177 -0.27 24.67 -18.35
C ILE A 177 0.82 24.83 -17.31
N ARG A 178 2.07 24.50 -17.68
CA ARG A 178 3.20 24.91 -16.90
C ARG A 178 4.34 25.39 -17.80
N ASP A 179 4.80 26.61 -17.54
CA ASP A 179 5.97 27.21 -18.19
C ASP A 179 7.19 26.88 -17.37
N PHE A 180 8.31 26.61 -18.05
CA PHE A 180 9.55 26.30 -17.36
C PHE A 180 10.79 26.75 -18.19
N PRO A 181 11.95 26.97 -17.53
CA PRO A 181 13.17 27.36 -18.26
C PRO A 181 13.61 26.34 -19.31
N ALA A 182 14.07 26.84 -20.45
CA ALA A 182 14.52 25.96 -21.53
C ALA A 182 15.75 26.56 -22.23
N SER A 183 16.65 25.67 -22.68
CA SER A 183 17.72 26.07 -23.59
C SER A 183 17.08 25.86 -24.95
N GLY A 184 16.35 26.88 -25.38
CA GLY A 184 15.16 26.65 -26.18
C GLY A 184 15.15 27.22 -27.57
N ASP A 185 15.45 26.38 -28.56
CA ASP A 185 14.99 26.63 -29.90
C ASP A 185 14.72 25.25 -30.50
N GLY A 186 13.49 24.78 -30.36
CA GLY A 186 13.12 23.44 -30.85
C GLY A 186 11.72 23.42 -31.43
N LYS A 187 11.24 22.25 -31.80
CA LYS A 187 9.92 22.20 -32.41
C LYS A 187 8.84 21.71 -31.46
N ASN A 188 7.60 22.09 -31.76
CA ASN A 188 6.48 21.66 -30.97
C ASN A 188 6.22 20.18 -31.17
N LEU A 189 5.94 19.51 -30.06
CA LEU A 189 5.75 18.07 -29.98
C LEU A 189 4.47 17.77 -29.21
N ILE A 190 3.81 16.67 -29.52
CA ILE A 190 2.73 16.14 -28.72
C ILE A 190 3.10 14.72 -28.30
N ILE A 191 3.25 14.53 -26.99
CA ILE A 191 3.73 13.27 -26.42
C ILE A 191 2.54 12.49 -25.83
N PRO A 192 2.38 11.20 -26.21
CA PRO A 192 1.28 10.42 -25.63
C PRO A 192 1.34 10.43 -24.10
N ALA A 193 0.19 10.61 -23.44
CA ALA A 193 0.15 10.76 -21.98
C ALA A 193 0.80 9.60 -21.22
N ARG A 194 0.52 8.38 -21.64
CA ARG A 194 1.16 7.19 -21.01
C ARG A 194 2.69 7.18 -21.17
N SER A 195 3.20 7.74 -22.26
CA SER A 195 4.64 7.93 -22.41
C SER A 195 5.20 9.04 -21.52
N VAL A 196 4.40 10.08 -21.26
CA VAL A 196 4.78 11.08 -20.26
C VAL A 196 4.92 10.43 -18.87
N ASP A 197 4.03 9.51 -18.52
CA ASP A 197 4.11 8.80 -17.24
C ASP A 197 5.44 8.06 -17.10
N GLU A 198 5.89 7.43 -18.18
CA GLU A 198 7.14 6.71 -18.18
C GLU A 198 8.30 7.69 -18.07
N LEU A 199 8.18 8.83 -18.75
CA LEU A 199 9.23 9.86 -18.73
C LEU A 199 9.41 10.39 -17.33
N ILE A 200 8.30 10.68 -16.66
CA ILE A 200 8.34 11.14 -15.28
C ILE A 200 9.11 10.17 -14.39
N ARG A 201 8.95 8.88 -14.61
N ARG A 201 8.94 8.88 -14.61
CA ARG A 201 9.62 7.89 -13.78
CA ARG A 201 9.61 7.86 -13.78
C ARG A 201 11.14 7.83 -13.98
C ARG A 201 11.13 7.85 -13.98
N VAL A 202 11.63 8.29 -15.14
CA VAL A 202 13.08 8.23 -15.42
C VAL A 202 13.83 9.57 -15.39
N LEU A 203 13.13 10.69 -15.57
CA LEU A 203 13.81 11.98 -15.60
C LEU A 203 14.34 12.34 -14.21
N LYS A 204 15.56 12.87 -14.16
CA LYS A 204 16.13 13.39 -12.92
C LYS A 204 16.69 14.78 -13.16
N ASP A 205 17.09 15.48 -12.10
CA ASP A 205 17.77 16.77 -12.25
C ASP A 205 19.01 16.60 -13.12
N GLY A 206 19.27 17.60 -13.95
CA GLY A 206 20.38 17.54 -14.90
C GLY A 206 19.85 17.57 -16.30
N GLU A 207 20.76 17.49 -17.27
CA GLU A 207 20.41 17.67 -18.66
C GLU A 207 19.65 16.49 -19.27
N ALA A 208 18.60 16.80 -20.02
CA ALA A 208 17.88 15.83 -20.82
C ALA A 208 17.94 16.28 -22.28
N ARG A 209 18.39 15.40 -23.16
CA ARG A 209 18.57 15.71 -24.58
C ARG A 209 17.50 15.06 -25.45
N PHE A 210 16.93 15.81 -26.39
CA PHE A 210 15.94 15.29 -27.32
C PHE A 210 16.59 15.03 -28.67
N THR A 211 16.31 13.86 -29.26
CA THR A 211 16.65 13.58 -30.63
C THR A 211 15.33 13.36 -31.37
N TYR A 212 15.05 14.21 -32.36
CA TYR A 212 13.83 14.10 -33.16
C TYR A 212 13.94 12.96 -34.17
N GLY A 213 12.85 12.22 -34.33
CA GLY A 213 12.80 11.16 -35.32
C GLY A 213 11.52 11.29 -36.11
N ASP A 214 11.25 10.30 -36.97
CA ASP A 214 10.03 10.29 -37.76
C ASP A 214 8.89 9.70 -36.94
N GLY A 215 7.99 10.57 -36.49
CA GLY A 215 6.89 10.15 -35.62
C GLY A 215 7.33 9.64 -34.25
N MET A 216 8.55 9.98 -33.84
CA MET A 216 9.09 9.48 -32.59
C MET A 216 10.08 10.48 -32.00
N LEU A 217 10.38 10.26 -30.73
CA LEU A 217 11.31 11.11 -29.99
C LEU A 217 12.21 10.18 -29.17
N THR A 218 13.49 10.53 -29.09
CA THR A 218 14.40 9.88 -28.16
C THR A 218 14.88 10.89 -27.13
N VAL A 219 14.72 10.53 -25.86
CA VAL A 219 15.12 11.37 -24.75
C VAL A 219 16.27 10.70 -24.03
N THR A 220 17.38 11.43 -23.89
CA THR A 220 18.58 10.91 -23.26
C THR A 220 18.95 11.73 -22.04
N THR A 221 19.16 11.04 -20.92
CA THR A 221 19.58 11.65 -19.69
C THR A 221 20.92 11.06 -19.32
N ASP A 222 21.34 11.38 -18.09
CA ASP A 222 22.38 10.63 -17.41
C ASP A 222 21.98 9.14 -17.33
N ARG A 223 22.61 8.34 -18.18
CA ARG A 223 22.49 6.87 -18.18
C ARG A 223 21.23 6.24 -18.78
N VAL A 224 20.13 6.99 -18.94
CA VAL A 224 18.91 6.45 -19.55
C VAL A 224 18.67 7.00 -20.96
N LYS A 225 18.22 6.13 -21.86
CA LYS A 225 17.71 6.52 -23.17
C LYS A 225 16.30 5.95 -23.34
N MET A 226 15.37 6.77 -23.84
CA MET A 226 13.99 6.30 -24.03
C MET A 226 13.51 6.68 -25.41
N ASN A 227 12.96 5.70 -26.13
CA ASN A 227 12.25 5.93 -27.38
C ASN A 227 10.75 5.96 -27.10
N LEU A 228 10.07 6.95 -27.66
CA LEU A 228 8.62 7.03 -27.58
C LEU A 228 8.04 7.57 -28.86
N LYS A 229 6.76 7.27 -29.06
CA LYS A 229 6.04 7.74 -30.22
C LYS A 229 5.60 9.16 -29.97
N LEU A 230 5.37 9.91 -31.04
CA LEU A 230 4.81 11.25 -30.96
C LEU A 230 3.48 11.23 -31.70
N LEU A 231 2.53 12.04 -31.26
CA LEU A 231 1.23 12.13 -31.95
C LEU A 231 1.31 13.14 -33.09
N ASP A 232 0.61 12.82 -34.18
CA ASP A 232 0.51 13.70 -35.33
C ASP A 232 -0.57 14.76 -35.11
N GLY A 233 -0.55 15.78 -35.94
CA GLY A 233 -1.56 16.83 -35.89
C GLY A 233 -1.07 18.03 -35.12
N ASP A 234 -1.84 19.10 -35.16
CA ASP A 234 -1.56 20.28 -34.38
C ASP A 234 -2.46 20.24 -33.14
N PHE A 235 -1.87 20.47 -31.99
CA PHE A 235 -2.65 20.69 -30.78
C PHE A 235 -3.60 21.88 -30.97
N PRO A 236 -4.84 21.76 -30.47
CA PRO A 236 -5.81 22.84 -30.72
C PRO A 236 -5.47 24.16 -30.02
N ASP A 237 -6.13 25.22 -30.42
CA ASP A 237 -5.89 26.53 -29.84
C ASP A 237 -6.55 26.64 -28.45
N TYR A 238 -5.83 26.17 -27.44
CA TYR A 238 -6.29 26.22 -26.03
C TYR A 238 -6.46 27.65 -25.49
N GLU A 239 -5.77 28.64 -26.09
CA GLU A 239 -5.91 30.04 -25.68
C GLU A 239 -7.36 30.49 -25.72
N ARG A 240 -8.10 29.99 -26.70
CA ARG A 240 -9.50 30.39 -26.90
C ARG A 240 -10.40 30.02 -25.73
N VAL A 241 -10.05 28.99 -24.95
CA VAL A 241 -10.89 28.57 -23.82
C VAL A 241 -10.41 29.11 -22.47
N ILE A 242 -9.34 29.92 -22.48
CA ILE A 242 -8.84 30.59 -21.27
C ILE A 242 -9.56 31.92 -21.08
N PRO A 243 -10.24 32.11 -19.94
CA PRO A 243 -11.00 33.35 -19.72
C PRO A 243 -10.10 34.56 -19.46
N LYS A 244 -10.37 35.68 -20.10
CA LYS A 244 -9.61 36.92 -19.87
C LYS A 244 -10.43 38.00 -19.19
N ASP A 245 -11.76 37.85 -19.12
CA ASP A 245 -12.61 38.84 -18.45
C ASP A 245 -12.92 38.40 -17.01
N ILE A 246 -12.01 38.69 -16.09
CA ILE A 246 -12.10 38.23 -14.71
C ILE A 246 -12.87 39.24 -13.88
N LYS A 247 -13.88 38.76 -13.16
CA LYS A 247 -14.81 39.61 -12.36
C LYS A 247 -14.54 39.53 -10.85
N LEU A 248 -13.91 38.44 -10.42
CA LEU A 248 -13.72 38.19 -9.01
C LEU A 248 -12.44 37.39 -8.79
N GLN A 249 -11.64 37.81 -7.81
CA GLN A 249 -10.36 37.21 -7.48
C GLN A 249 -10.42 36.86 -6.01
N VAL A 250 -10.06 35.64 -5.67
CA VAL A 250 -10.05 35.19 -4.29
C VAL A 250 -8.67 34.61 -4.03
N THR A 251 -8.07 34.99 -2.89
CA THR A 251 -6.77 34.48 -2.52
C THR A 251 -6.90 33.84 -1.14
N LEU A 252 -6.31 32.65 -0.97
CA LEU A 252 -6.40 31.93 0.29
C LEU A 252 -5.34 30.85 0.36
N PRO A 253 -5.10 30.30 1.56
CA PRO A 253 -4.11 29.24 1.72
C PRO A 253 -4.48 28.00 0.93
N ALA A 254 -3.53 27.49 0.15
CA ALA A 254 -3.78 26.35 -0.73
C ALA A 254 -4.17 25.11 0.07
N THR A 255 -3.48 24.88 1.18
CA THR A 255 -3.69 23.63 1.92
C THR A 255 -5.06 23.62 2.55
N ALA A 256 -5.47 24.77 3.11
CA ALA A 256 -6.82 24.86 3.69
C ALA A 256 -7.88 24.59 2.64
N LEU A 257 -7.70 25.14 1.43
CA LEU A 257 -8.68 24.94 0.36
C LEU A 257 -8.73 23.48 -0.09
N LYS A 258 -7.57 22.85 -0.25
CA LYS A 258 -7.52 21.45 -0.66
C LYS A 258 -8.19 20.56 0.35
N GLU A 259 -7.90 20.79 1.63
CA GLU A 259 -8.46 19.98 2.69
C GLU A 259 -9.99 20.20 2.81
N ALA A 260 -10.45 21.43 2.55
CA ALA A 260 -11.86 21.72 2.60
C ALA A 260 -12.62 21.09 1.44
N VAL A 261 -12.06 21.12 0.23
CA VAL A 261 -12.71 20.51 -0.94
C VAL A 261 -12.78 19.02 -0.73
N ASN A 262 -11.65 18.45 -0.29
CA ASN A 262 -11.60 17.02 -0.01
C ASN A 262 -12.68 16.58 0.97
N ARG A 263 -12.79 17.24 2.12
CA ARG A 263 -13.71 16.77 3.15
C ARG A 263 -15.19 16.93 2.73
N VAL A 264 -15.52 18.05 2.09
CA VAL A 264 -16.89 18.31 1.65
C VAL A 264 -17.33 17.35 0.54
N ALA A 265 -16.40 17.01 -0.35
CA ALA A 265 -16.70 16.17 -1.53
C ALA A 265 -17.19 14.77 -1.13
N VAL A 266 -16.90 14.34 0.11
CA VAL A 266 -17.31 13.02 0.53
C VAL A 266 -18.84 12.88 0.48
N LEU A 267 -19.58 13.98 0.67
CA LEU A 267 -21.05 13.93 0.64
C LEU A 267 -21.72 14.29 -0.72
N ALA A 268 -20.90 14.56 -1.75
CA ALA A 268 -21.41 14.73 -3.11
C ALA A 268 -21.91 13.38 -3.64
N ASP A 269 -22.94 13.40 -4.51
CA ASP A 269 -23.52 12.13 -4.97
C ASP A 269 -22.52 11.34 -5.79
N LYS A 270 -22.54 10.02 -5.60
CA LYS A 270 -21.58 9.08 -6.21
C LYS A 270 -21.34 9.38 -7.70
N ASN A 271 -22.38 9.81 -8.40
CA ASN A 271 -22.17 10.44 -9.69
C ASN A 271 -23.24 11.47 -10.09
N ALA A 272 -23.05 12.68 -9.56
CA ALA A 272 -23.56 13.89 -10.16
C ALA A 272 -22.33 14.75 -10.46
N ASN A 273 -21.31 14.14 -11.08
CA ASN A 273 -20.05 14.81 -11.39
C ASN A 273 -19.32 15.38 -10.16
N ASN A 274 -19.42 14.65 -9.04
CA ASN A 274 -18.81 15.06 -7.78
C ASN A 274 -19.09 16.53 -7.46
N ARG A 275 -20.36 16.93 -7.59
CA ARG A 275 -20.72 18.34 -7.50
C ARG A 275 -20.35 19.02 -6.16
N VAL A 276 -19.57 20.11 -6.25
CA VAL A 276 -19.30 20.97 -5.11
C VAL A 276 -19.59 22.44 -5.44
N GLU A 277 -20.35 23.10 -4.58
CA GLU A 277 -20.69 24.50 -4.75
C GLU A 277 -19.63 25.38 -4.08
N PHE A 278 -19.23 26.42 -4.79
CA PHE A 278 -18.32 27.44 -4.27
C PHE A 278 -19.18 28.68 -4.11
N LEU A 279 -19.29 29.21 -2.90
CA LEU A 279 -20.00 30.47 -2.68
C LEU A 279 -19.03 31.47 -2.06
N VAL A 280 -18.70 32.51 -2.81
CA VAL A 280 -17.85 33.59 -2.33
C VAL A 280 -18.75 34.73 -1.85
N SER A 281 -18.57 35.16 -0.61
CA SER A 281 -19.31 36.26 -0.06
C SER A 281 -18.67 36.79 1.21
N GLU A 282 -18.62 38.11 1.37
CA GLU A 282 -18.22 38.78 2.61
C GLU A 282 -16.90 38.27 3.17
N GLY A 283 -15.88 38.19 2.30
CA GLY A 283 -14.56 37.73 2.69
C GLY A 283 -14.52 36.27 3.13
N THR A 284 -15.46 35.47 2.65
CA THR A 284 -15.44 34.02 2.91
C THR A 284 -15.71 33.22 1.64
N LEU A 285 -15.18 32.00 1.61
CA LEU A 285 -15.54 31.02 0.60
C LEU A 285 -16.21 29.88 1.33
N ARG A 286 -17.46 29.59 0.95
CA ARG A 286 -18.15 28.43 1.48
C ARG A 286 -18.20 27.35 0.43
N LEU A 287 -17.84 26.13 0.81
CA LEU A 287 -17.93 24.97 -0.04
C LEU A 287 -19.11 24.14 0.45
N ALA A 288 -19.94 23.65 -0.48
CA ALA A 288 -21.12 22.85 -0.12
C ALA A 288 -21.29 21.69 -1.07
N ALA A 289 -21.72 20.55 -0.53
CA ALA A 289 -22.10 19.41 -1.32
C ALA A 289 -23.22 18.68 -0.60
N GLU A 290 -23.99 17.94 -1.37
CA GLU A 290 -25.16 17.27 -0.84
C GLU A 290 -25.47 16.06 -1.69
N GLY A 291 -25.93 15.01 -1.03
CA GLY A 291 -26.26 13.75 -1.69
C GLY A 291 -27.23 12.94 -0.86
N ASP A 292 -27.31 11.64 -1.17
CA ASP A 292 -28.26 10.76 -0.52
C ASP A 292 -27.99 10.54 0.97
N TYR A 293 -26.75 10.70 1.40
CA TYR A 293 -26.36 10.40 2.79
C TYR A 293 -26.44 11.60 3.73
N GLY A 294 -26.40 12.78 3.13
CA GLY A 294 -26.47 14.01 3.90
C GLY A 294 -25.89 15.17 3.10
N ARG A 295 -25.41 16.18 3.82
CA ARG A 295 -24.93 17.43 3.20
C ARG A 295 -23.79 17.99 4.05
N ALA A 296 -22.86 18.69 3.40
CA ALA A 296 -21.66 19.21 4.05
C ALA A 296 -21.45 20.63 3.63
N GLN A 297 -21.00 21.47 4.57
CA GLN A 297 -20.52 22.80 4.27
C GLN A 297 -19.24 23.09 5.05
N ASP A 298 -18.29 23.74 4.41
CA ASP A 298 -17.09 24.25 5.07
C ASP A 298 -16.86 25.69 4.66
N THR A 299 -16.49 26.54 5.61
CA THR A 299 -16.32 27.98 5.34
C THR A 299 -14.90 28.43 5.64
N LEU A 300 -14.28 29.11 4.67
CA LEU A 300 -12.91 29.59 4.77
C LEU A 300 -12.86 31.12 4.64
N SER A 301 -12.01 31.75 5.46
CA SER A 301 -11.69 33.15 5.30
C SER A 301 -10.82 33.33 4.07
N VAL A 302 -11.14 34.33 3.27
CA VAL A 302 -10.37 34.63 2.06
C VAL A 302 -10.18 36.14 1.90
N THR A 303 -9.28 36.53 0.99
CA THR A 303 -9.23 37.89 0.53
C THR A 303 -9.90 37.89 -0.81
N GLN A 304 -10.85 38.79 -1.03
CA GLN A 304 -11.55 38.84 -2.30
C GLN A 304 -11.46 40.24 -2.85
N GLY A 305 -11.41 40.35 -4.17
CA GLY A 305 -11.50 41.63 -4.84
C GLY A 305 -12.14 41.51 -6.19
N GLY A 306 -12.51 42.64 -6.79
CA GLY A 306 -13.03 42.65 -8.16
C GLY A 306 -14.35 43.37 -8.29
N THR A 307 -14.99 43.25 -9.45
CA THR A 307 -16.20 44.04 -9.71
C THR A 307 -17.48 43.34 -9.21
N GLU A 308 -17.42 42.03 -8.92
CA GLU A 308 -18.52 41.35 -8.22
C GLU A 308 -18.09 41.09 -6.77
N GLN A 309 -19.02 41.28 -5.83
CA GLN A 309 -18.75 41.03 -4.41
C GLN A 309 -19.27 39.66 -3.94
N ALA A 310 -20.03 38.98 -4.79
CA ALA A 310 -20.53 37.64 -4.44
C ALA A 310 -20.71 36.81 -5.69
N MET A 311 -20.47 35.50 -5.56
CA MET A 311 -20.62 34.59 -6.68
C MET A 311 -20.84 33.17 -6.19
N SER A 312 -21.72 32.47 -6.90
CA SER A 312 -22.00 31.07 -6.64
C SER A 312 -21.70 30.24 -7.88
N LEU A 313 -20.83 29.25 -7.71
CA LEU A 313 -20.41 28.39 -8.82
C LEU A 313 -20.48 26.93 -8.40
N ALA A 314 -20.55 26.05 -9.39
CA ALA A 314 -20.55 24.60 -9.18
C ALA A 314 -19.45 23.97 -10.00
N PHE A 315 -18.65 23.12 -9.36
CA PHE A 315 -17.52 22.43 -9.98
C PHE A 315 -17.52 20.92 -9.66
N ASN A 316 -16.90 20.15 -10.54
CA ASN A 316 -16.52 18.76 -10.26
C ASN A 316 -15.38 18.80 -9.23
N ALA A 317 -15.68 18.37 -7.99
CA ALA A 317 -14.67 18.39 -6.91
C ALA A 317 -13.38 17.63 -7.23
N ARG A 318 -13.48 16.54 -7.96
CA ARG A 318 -12.29 15.78 -8.35
C ARG A 318 -11.40 16.61 -9.28
N HIS A 319 -12.03 17.30 -10.23
CA HIS A 319 -11.29 18.20 -11.14
C HIS A 319 -10.72 19.38 -10.39
N VAL A 320 -11.41 19.82 -9.35
CA VAL A 320 -10.90 20.91 -8.51
C VAL A 320 -9.59 20.47 -7.83
N LEU A 321 -9.61 19.28 -7.24
CA LEU A 321 -8.45 18.76 -6.56
C LEU A 321 -7.30 18.50 -7.53
N ASP A 322 -7.63 17.98 -8.73
CA ASP A 322 -6.62 17.82 -9.80
C ASP A 322 -5.95 19.17 -10.07
N ALA A 323 -6.77 20.22 -10.26
CA ALA A 323 -6.29 21.54 -10.65
C ALA A 323 -5.46 22.19 -9.54
N LEU A 324 -5.86 22.00 -8.30
CA LEU A 324 -5.14 22.57 -7.15
C LEU A 324 -3.85 21.86 -6.79
N GLY A 325 -3.71 20.61 -7.22
CA GLY A 325 -2.60 19.75 -6.82
C GLY A 325 -1.25 20.40 -6.85
N PRO A 326 -0.86 20.98 -7.98
CA PRO A 326 0.45 21.65 -8.12
C PRO A 326 0.58 23.01 -7.42
N ILE A 327 -0.48 23.52 -6.80
CA ILE A 327 -0.44 24.82 -6.14
C ILE A 327 -0.11 24.66 -4.66
N ASP A 328 0.97 25.33 -4.23
CA ASP A 328 1.41 25.36 -2.82
C ASP A 328 1.44 26.81 -2.29
N GLY A 329 1.32 26.94 -0.98
CA GLY A 329 1.35 28.24 -0.34
C GLY A 329 -0.01 28.89 -0.38
N ASP A 330 -0.18 29.84 -1.28
CA ASP A 330 -1.48 30.48 -1.44
C ASP A 330 -2.00 30.29 -2.85
N ALA A 331 -3.29 30.00 -2.94
CA ALA A 331 -3.96 29.88 -4.23
C ALA A 331 -4.65 31.18 -4.59
N GLU A 332 -4.69 31.47 -5.89
CA GLU A 332 -5.42 32.57 -6.46
C GLU A 332 -6.48 31.96 -7.37
N LEU A 333 -7.74 32.28 -7.11
CA LEU A 333 -8.86 31.78 -7.92
C LEU A 333 -9.44 32.97 -8.67
N LEU A 334 -9.47 32.90 -9.99
CA LEU A 334 -9.95 33.97 -10.83
C LEU A 334 -11.20 33.50 -11.56
N PHE A 335 -12.32 34.18 -11.30
CA PHE A 335 -13.62 33.78 -11.81
C PHE A 335 -14.10 34.77 -12.86
N SER A 336 -14.60 34.23 -13.99
CA SER A 336 -15.11 35.08 -15.05
C SER A 336 -16.63 35.23 -14.96
N GLY A 337 -17.28 34.46 -14.08
CA GLY A 337 -18.75 34.43 -14.03
C GLY A 337 -19.25 33.13 -13.43
N SER A 338 -20.51 33.11 -12.99
CA SER A 338 -21.03 31.97 -12.22
C SER A 338 -21.09 30.68 -13.04
N THR A 339 -21.22 30.79 -14.36
CA THR A 339 -21.26 29.61 -15.22
C THR A 339 -20.23 29.65 -16.34
N SER A 340 -19.12 30.37 -16.16
CA SER A 340 -18.09 30.44 -17.19
C SER A 340 -16.73 30.08 -16.58
N PRO A 341 -15.69 29.90 -17.42
CA PRO A 341 -14.52 29.22 -16.85
C PRO A 341 -13.75 30.06 -15.82
N ALA A 342 -13.00 29.36 -14.98
CA ALA A 342 -12.20 29.95 -13.93
C ALA A 342 -10.73 29.57 -14.11
N ILE A 343 -9.83 30.37 -13.53
CA ILE A 343 -8.40 30.06 -13.52
C ILE A 343 -7.98 29.85 -12.05
N PHE A 344 -7.29 28.74 -11.77
CA PHE A 344 -6.66 28.49 -10.49
C PHE A 344 -5.15 28.51 -10.71
N ARG A 345 -4.44 29.26 -9.86
CA ARG A 345 -2.98 29.34 -9.95
C ARG A 345 -2.38 29.72 -8.59
N ALA A 346 -1.06 29.69 -8.48
CA ALA A 346 -0.36 30.25 -7.30
C ALA A 346 -0.36 31.77 -7.41
N VAL A 347 -0.14 32.47 -6.29
CA VAL A 347 -0.10 33.94 -6.28
C VAL A 347 0.78 34.50 -7.42
N GLY A 348 0.21 35.40 -8.22
CA GLY A 348 0.94 36.00 -9.35
C GLY A 348 1.28 35.09 -10.51
N GLY A 349 0.73 33.87 -10.52
CA GLY A 349 1.15 32.86 -11.47
C GLY A 349 2.57 32.36 -11.22
N GLY A 350 3.07 32.57 -10.00
CA GLY A 350 4.46 32.25 -9.68
C GLY A 350 4.71 30.77 -9.87
N GLY A 351 5.88 30.41 -10.40
CA GLY A 351 6.23 29.00 -10.64
C GLY A 351 5.84 28.55 -12.03
N GLY A 352 4.95 29.30 -12.70
CA GLY A 352 4.61 29.09 -14.08
C GLY A 352 3.37 28.22 -14.34
N TYR A 353 2.66 27.84 -13.28
CA TYR A 353 1.51 26.91 -13.40
C TYR A 353 0.18 27.61 -13.48
N MET A 354 -0.74 27.06 -14.27
CA MET A 354 -2.09 27.60 -14.37
C MET A 354 -3.04 26.48 -14.77
N ALA A 355 -4.20 26.45 -14.13
CA ALA A 355 -5.28 25.52 -14.46
C ALA A 355 -6.49 26.34 -14.90
N VAL A 356 -7.15 25.89 -15.97
CA VAL A 356 -8.43 26.43 -16.36
C VAL A 356 -9.47 25.36 -16.08
N MET A 357 -10.50 25.77 -15.35
CA MET A 357 -11.60 24.89 -14.95
C MET A 357 -12.89 25.39 -15.56
N VAL A 358 -13.72 24.47 -16.04
CA VAL A 358 -15.08 24.79 -16.43
C VAL A 358 -16.05 24.50 -15.29
N THR A 359 -17.19 25.20 -15.28
CA THR A 359 -18.24 24.96 -14.28
C THR A 359 -19.12 23.78 -14.72
N LEU A 360 -19.85 23.19 -13.78
CA LEU A 360 -20.89 22.18 -14.11
C LEU A 360 -22.13 22.90 -14.63
N ARG A 361 -22.80 22.31 -15.63
CA ARG A 361 -23.93 22.99 -16.29
C ARG A 361 -25.13 23.08 -15.38
N VAL B 1 -32.29 19.50 22.41
CA VAL B 1 -31.74 18.41 21.55
C VAL B 1 -30.45 17.84 22.13
N MET B 2 -30.12 16.62 21.74
CA MET B 2 -28.85 16.01 22.15
C MET B 2 -27.66 16.70 21.54
N LYS B 3 -26.66 16.95 22.38
CA LYS B 3 -25.45 17.63 21.97
C LYS B 3 -24.27 17.02 22.71
N ALA B 4 -23.18 16.71 22.00
CA ALA B 4 -21.99 16.15 22.63
C ALA B 4 -20.72 16.84 22.17
N ASN B 5 -19.79 17.04 23.09
CA ASN B 5 -18.45 17.52 22.75
C ASN B 5 -17.43 16.44 23.03
N VAL B 6 -16.62 16.12 22.02
CA VAL B 6 -15.66 15.03 22.14
C VAL B 6 -14.35 15.43 21.44
N THR B 7 -13.24 14.98 21.98
CA THR B 7 -11.93 15.16 21.35
C THR B 7 -11.87 14.35 20.06
N LYS B 8 -11.37 14.93 18.97
CA LYS B 8 -11.29 14.24 17.70
C LYS B 8 -10.40 12.99 17.78
N LYS B 9 -9.26 13.13 18.47
CA LYS B 9 -8.31 12.03 18.64
C LYS B 9 -8.97 10.78 19.23
N THR B 10 -9.76 10.99 20.28
CA THR B 10 -10.37 9.89 20.99
C THR B 10 -11.52 9.31 20.18
N LEU B 11 -12.32 10.17 19.55
CA LEU B 11 -13.42 9.70 18.71
C LEU B 11 -12.89 8.91 17.50
N ASN B 12 -11.80 9.40 16.90
CA ASN B 12 -11.11 8.68 15.83
C ASN B 12 -10.67 7.27 16.24
N GLU B 13 -10.10 7.15 17.44
CA GLU B 13 -9.66 5.84 17.92
C GLU B 13 -10.83 4.86 18.02
N GLY B 14 -11.94 5.29 18.62
CA GLY B 14 -13.09 4.43 18.77
C GLY B 14 -13.71 4.03 17.44
N LEU B 15 -13.88 5.02 16.56
CA LEU B 15 -14.49 4.77 15.26
C LEU B 15 -13.61 3.87 14.39
N GLY B 16 -12.29 4.05 14.50
CA GLY B 16 -11.31 3.17 13.84
C GLY B 16 -11.46 1.71 14.23
N LEU B 17 -11.69 1.45 15.52
CA LEU B 17 -11.89 0.08 16.00
C LEU B 17 -13.23 -0.49 15.46
N LEU B 18 -14.30 0.31 15.52
CA LEU B 18 -15.63 -0.16 15.08
C LEU B 18 -15.67 -0.36 13.57
N GLU B 19 -15.03 0.51 12.80
CA GLU B 19 -15.14 0.41 11.33
C GLU B 19 -14.41 -0.82 10.80
N ARG B 20 -13.45 -1.33 11.56
CA ARG B 20 -12.74 -2.56 11.24
C ARG B 20 -13.67 -3.78 11.30
N VAL B 21 -14.61 -3.77 12.26
CA VAL B 21 -15.57 -4.86 12.47
C VAL B 21 -16.84 -4.73 11.61
N ILE B 22 -17.45 -3.55 11.63
CA ILE B 22 -18.69 -3.32 10.89
C ILE B 22 -18.42 -3.44 9.37
N PRO B 23 -19.24 -4.23 8.65
CA PRO B 23 -19.08 -4.29 7.19
C PRO B 23 -19.38 -2.96 6.52
N SER B 24 -18.66 -2.67 5.43
CA SER B 24 -18.89 -1.47 4.64
C SER B 24 -20.01 -1.68 3.62
N ARG B 25 -20.32 -2.93 3.30
CA ARG B 25 -21.45 -3.21 2.42
C ARG B 25 -22.19 -4.48 2.84
N SER B 26 -23.51 -4.46 2.70
CA SER B 26 -24.33 -5.62 3.02
C SER B 26 -25.71 -5.52 2.39
N SER B 27 -26.28 -6.66 2.02
CA SER B 27 -27.67 -6.70 1.58
C SER B 27 -28.63 -6.38 2.74
N ASN B 28 -28.14 -6.56 3.97
CA ASN B 28 -28.84 -6.09 5.17
C ASN B 28 -28.53 -4.61 5.38
N PRO B 29 -29.55 -3.74 5.21
CA PRO B 29 -29.28 -2.30 5.22
C PRO B 29 -28.78 -1.76 6.56
N LEU B 30 -29.06 -2.45 7.67
CA LEU B 30 -28.66 -1.98 9.00
C LEU B 30 -27.34 -2.56 9.49
N LEU B 31 -26.88 -3.63 8.86
CA LEU B 31 -25.65 -4.29 9.30
C LEU B 31 -24.43 -3.38 9.15
N THR B 32 -24.49 -2.44 8.21
CA THR B 32 -23.43 -1.46 7.96
C THR B 32 -23.51 -0.24 8.87
N ALA B 33 -24.49 -0.21 9.77
CA ALA B 33 -24.68 0.91 10.68
C ALA B 33 -23.81 0.81 11.96
N LEU B 34 -23.45 1.97 12.49
CA LEU B 34 -22.84 2.10 13.81
C LEU B 34 -23.96 2.50 14.74
N LYS B 35 -24.06 1.87 15.91
CA LYS B 35 -24.98 2.34 16.94
C LYS B 35 -24.23 3.25 17.91
N VAL B 36 -24.82 4.39 18.22
CA VAL B 36 -24.22 5.32 19.16
C VAL B 36 -25.17 5.54 20.33
N GLU B 37 -24.72 5.19 21.53
CA GLU B 37 -25.50 5.39 22.73
C GLU B 37 -24.80 6.45 23.55
N THR B 38 -25.57 7.39 24.05
CA THR B 38 -25.02 8.50 24.82
C THR B 38 -25.50 8.44 26.26
N SER B 39 -24.63 8.90 27.15
CA SER B 39 -24.96 9.09 28.57
C SER B 39 -24.12 10.28 29.04
N GLU B 40 -24.21 10.63 30.32
CA GLU B 40 -23.48 11.80 30.84
C GLU B 40 -21.99 11.68 30.55
N GLY B 41 -21.43 10.50 30.84
CA GLY B 41 -20.00 10.29 30.79
C GLY B 41 -19.40 10.26 29.40
N GLY B 42 -20.22 9.95 28.39
CA GLY B 42 -19.72 9.86 27.04
C GLY B 42 -20.54 9.06 26.07
N LEU B 43 -19.89 8.59 25.02
CA LEU B 43 -20.51 7.90 23.91
C LEU B 43 -20.09 6.44 23.93
N THR B 44 -21.05 5.54 23.74
CA THR B 44 -20.76 4.13 23.53
C THR B 44 -21.04 3.80 22.08
N LEU B 45 -19.99 3.40 21.36
CA LEU B 45 -20.07 3.06 19.94
C LEU B 45 -20.15 1.55 19.80
N SER B 46 -21.15 1.03 19.10
CA SER B 46 -21.26 -0.42 18.96
C SER B 46 -21.73 -0.87 17.58
N GLY B 47 -21.42 -2.12 17.26
CA GLY B 47 -21.82 -2.75 16.01
C GLY B 47 -21.49 -4.23 15.95
N THR B 48 -21.81 -4.86 14.82
CA THR B 48 -21.63 -6.30 14.66
C THR B 48 -21.28 -6.62 13.22
N ASN B 49 -20.59 -7.75 13.01
CA ASN B 49 -20.47 -8.34 11.66
C ASN B 49 -21.11 -9.73 11.62
N LEU B 50 -21.94 -10.02 12.61
CA LEU B 50 -22.65 -11.29 12.77
C LEU B 50 -21.79 -12.41 13.35
N GLU B 51 -20.46 -12.28 13.30
CA GLU B 51 -19.59 -13.25 13.96
C GLU B 51 -19.09 -12.70 15.30
N ILE B 52 -18.80 -11.40 15.35
CA ILE B 52 -18.47 -10.74 16.60
C ILE B 52 -19.31 -9.47 16.79
N ASP B 53 -19.51 -9.11 18.06
CA ASP B 53 -20.08 -7.81 18.41
C ASP B 53 -19.00 -7.04 19.12
N LEU B 54 -18.98 -5.73 18.92
CA LEU B 54 -17.96 -4.87 19.51
C LEU B 54 -18.59 -3.59 20.02
N SER B 55 -18.10 -3.13 21.16
CA SER B 55 -18.55 -1.91 21.83
C SER B 55 -17.33 -1.16 22.34
N CYS B 56 -17.28 0.15 22.13
CA CYS B 56 -16.19 1.01 22.60
C CYS B 56 -16.72 2.27 23.24
N PHE B 57 -16.22 2.58 24.43
CA PHE B 57 -16.61 3.79 25.15
C PHE B 57 -15.67 4.95 24.82
N VAL B 58 -16.23 6.11 24.47
CA VAL B 58 -15.45 7.32 24.23
C VAL B 58 -15.92 8.40 25.22
N PRO B 59 -15.04 8.81 26.17
CA PRO B 59 -15.43 9.90 27.08
C PRO B 59 -15.84 11.19 26.34
N ALA B 60 -16.90 11.84 26.80
CA ALA B 60 -17.42 13.07 26.17
C ALA B 60 -18.33 13.81 27.15
N GLU B 61 -18.58 15.09 26.86
CA GLU B 61 -19.59 15.85 27.61
C GLU B 61 -20.87 15.85 26.78
N VAL B 62 -21.96 15.35 27.36
CA VAL B 62 -23.21 15.15 26.64
C VAL B 62 -24.37 15.79 27.37
N GLN B 63 -25.26 16.42 26.60
CA GLN B 63 -26.51 16.94 27.15
C GLN B 63 -27.67 16.21 26.47
N GLN B 64 -28.71 15.92 27.23
CA GLN B 64 -29.95 15.31 26.71
C GLN B 64 -29.65 14.05 25.89
N PRO B 65 -29.07 13.03 26.55
CA PRO B 65 -28.63 11.84 25.84
C PRO B 65 -29.75 11.14 25.07
N GLU B 66 -29.39 10.65 23.89
CA GLU B 66 -30.31 9.99 22.99
C GLU B 66 -29.47 9.07 22.10
N ASN B 67 -30.05 7.97 21.65
CA ASN B 67 -29.34 7.01 20.84
C ASN B 67 -29.70 7.16 19.38
N PHE B 68 -28.80 6.73 18.50
CA PHE B 68 -29.03 6.79 17.07
C PHE B 68 -28.12 5.84 16.33
N VAL B 69 -28.45 5.58 15.07
CA VAL B 69 -27.58 4.83 14.18
C VAL B 69 -27.21 5.66 12.96
N VAL B 70 -25.97 5.49 12.49
CA VAL B 70 -25.48 6.17 11.29
C VAL B 70 -24.60 5.19 10.52
N PRO B 71 -24.44 5.39 9.20
CA PRO B 71 -23.51 4.52 8.45
C PRO B 71 -22.09 4.61 9.01
N ALA B 72 -21.52 3.48 9.42
CA ALA B 72 -20.29 3.47 10.22
C ALA B 72 -19.07 4.01 9.48
N HIS B 73 -18.86 3.60 8.24
CA HIS B 73 -17.64 3.96 7.51
C HIS B 73 -17.68 5.41 7.05
N LEU B 74 -18.86 5.86 6.62
CA LEU B 74 -19.05 7.25 6.25
C LEU B 74 -18.79 8.19 7.44
N PHE B 75 -19.36 7.85 8.59
CA PHE B 75 -19.19 8.66 9.79
C PHE B 75 -17.71 8.73 10.21
N ALA B 76 -17.02 7.58 10.18
CA ALA B 76 -15.61 7.50 10.53
C ALA B 76 -14.77 8.36 9.59
N GLN B 77 -15.11 8.31 8.30
CA GLN B 77 -14.40 9.08 7.29
C GLN B 77 -14.59 10.60 7.46
N ILE B 78 -15.81 11.03 7.74
CA ILE B 78 -16.11 12.45 8.02
C ILE B 78 -15.31 12.93 9.23
N VAL B 79 -15.27 12.12 10.30
CA VAL B 79 -14.58 12.56 11.51
C VAL B 79 -13.07 12.62 11.28
N ARG B 80 -12.52 11.59 10.62
CA ARG B 80 -11.09 11.62 10.26
C ARG B 80 -10.70 12.89 9.48
N ASN B 81 -11.57 13.33 8.56
CA ASN B 81 -11.28 14.47 7.69
C ASN B 81 -11.44 15.82 8.34
N LEU B 82 -12.03 15.87 9.53
CA LEU B 82 -12.26 17.13 10.21
C LEU B 82 -10.92 17.77 10.54
N GLY B 83 -10.89 19.10 10.44
CA GLY B 83 -9.67 19.88 10.63
C GLY B 83 -9.27 20.20 12.06
N GLY B 84 -10.24 20.50 12.91
CA GLY B 84 -9.95 20.89 14.30
C GLY B 84 -9.63 19.73 15.23
N GLU B 85 -9.40 20.04 16.51
CA GLU B 85 -9.15 19.01 17.53
C GLU B 85 -10.41 18.64 18.34
N LEU B 86 -11.47 19.44 18.27
CA LEU B 86 -12.71 19.17 19.01
C LEU B 86 -13.85 18.89 18.03
N VAL B 87 -14.68 17.90 18.33
CA VAL B 87 -15.87 17.60 17.52
C VAL B 87 -17.14 17.88 18.32
N GLU B 88 -18.09 18.58 17.71
CA GLU B 88 -19.43 18.76 18.28
C GLU B 88 -20.43 17.92 17.52
N LEU B 89 -21.17 17.10 18.24
CA LEU B 89 -22.25 16.31 17.67
C LEU B 89 -23.56 16.92 18.16
N GLU B 90 -24.55 16.96 17.27
CA GLU B 90 -25.89 17.38 17.62
C GLU B 90 -26.88 16.51 16.86
N LEU B 91 -27.92 16.06 17.55
CA LEU B 91 -28.94 15.22 16.92
C LEU B 91 -30.27 15.95 16.97
N SER B 92 -30.82 16.26 15.80
CA SER B 92 -32.15 16.88 15.69
C SER B 92 -32.95 16.13 14.65
N GLY B 93 -34.05 15.52 15.08
CA GLY B 93 -34.86 14.67 14.22
C GLY B 93 -34.04 13.49 13.73
N GLN B 94 -34.02 13.28 12.41
CA GLN B 94 -33.22 12.21 11.80
C GLN B 94 -31.89 12.72 11.23
N GLU B 95 -31.35 13.78 11.81
CA GLU B 95 -30.16 14.42 11.27
C GLU B 95 -29.11 14.57 12.35
N LEU B 96 -27.94 13.96 12.15
CA LEU B 96 -26.80 14.19 13.01
C LEU B 96 -25.91 15.29 12.43
N SER B 97 -25.71 16.35 13.20
CA SER B 97 -24.77 17.40 12.82
C SER B 97 -23.40 17.11 13.42
N VAL B 98 -22.36 17.24 12.59
CA VAL B 98 -20.98 16.97 13.00
C VAL B 98 -20.18 18.21 12.63
N ARG B 99 -19.65 18.89 13.65
CA ARG B 99 -19.08 20.21 13.49
C ARG B 99 -17.70 20.27 14.09
N SER B 100 -16.79 20.94 13.39
CA SER B 100 -15.47 21.28 13.91
C SER B 100 -14.93 22.49 13.14
N GLY B 101 -14.51 23.53 13.86
CA GLY B 101 -14.03 24.77 13.22
C GLY B 101 -15.01 25.32 12.19
N GLY B 102 -14.58 25.41 10.94
CA GLY B 102 -15.44 25.93 9.86
C GLY B 102 -16.33 24.86 9.21
N SER B 103 -16.16 23.60 9.63
CA SER B 103 -16.86 22.46 9.00
C SER B 103 -18.20 22.16 9.67
N ASP B 104 -19.23 21.90 8.88
CA ASP B 104 -20.57 21.53 9.37
C ASP B 104 -21.12 20.44 8.45
N PHE B 105 -21.17 19.21 8.95
CA PHE B 105 -21.63 18.06 8.19
C PHE B 105 -22.97 17.60 8.77
N LYS B 106 -23.91 17.22 7.91
CA LYS B 106 -25.18 16.62 8.35
C LYS B 106 -25.30 15.21 7.79
N LEU B 107 -25.48 14.21 8.67
CA LEU B 107 -25.72 12.82 8.24
C LEU B 107 -27.14 12.41 8.57
N GLN B 108 -27.82 11.78 7.61
CA GLN B 108 -29.11 11.15 7.89
C GLN B 108 -28.86 9.94 8.81
N THR B 109 -29.62 9.89 9.89
CA THR B 109 -29.56 8.75 10.82
C THR B 109 -30.51 7.66 10.31
N GLY B 110 -30.35 6.44 10.81
CA GLY B 110 -31.13 5.30 10.35
C GLY B 110 -32.19 4.87 11.34
N ASP B 111 -32.72 3.67 11.12
CA ASP B 111 -33.83 3.14 11.90
C ASP B 111 -33.30 2.46 13.17
N ILE B 112 -33.00 3.25 14.20
CA ILE B 112 -32.45 2.69 15.44
C ILE B 112 -33.37 1.62 16.03
N GLU B 113 -34.69 1.81 15.92
CA GLU B 113 -35.65 0.85 16.47
C GLU B 113 -35.48 -0.56 15.91
N ALA B 114 -35.03 -0.67 14.66
CA ALA B 114 -34.83 -1.98 14.02
C ALA B 114 -33.40 -2.52 14.16
N TYR B 115 -32.49 -1.78 14.81
CA TYR B 115 -31.14 -2.28 15.08
C TYR B 115 -31.17 -3.21 16.31
N PRO B 116 -30.50 -4.39 16.24
CA PRO B 116 -30.64 -5.35 17.34
C PRO B 116 -30.04 -4.84 18.65
N PRO B 117 -30.71 -5.11 19.78
CA PRO B 117 -30.04 -4.81 21.04
C PRO B 117 -28.82 -5.72 21.19
N LEU B 118 -27.63 -5.14 21.34
CA LEU B 118 -26.42 -5.92 21.57
C LEU B 118 -26.14 -5.92 23.07
N SER B 119 -25.88 -7.10 23.62
CA SER B 119 -25.67 -7.26 25.05
C SER B 119 -24.28 -7.80 25.35
N PHE B 120 -23.58 -7.15 26.28
CA PHE B 120 -22.24 -7.55 26.67
C PHE B 120 -22.23 -7.87 28.16
N PRO B 121 -22.26 -9.17 28.51
CA PRO B 121 -22.19 -9.55 29.94
C PRO B 121 -20.85 -9.16 30.58
N ALA B 122 -20.88 -8.94 31.90
CA ALA B 122 -19.75 -8.33 32.62
C ALA B 122 -19.02 -9.24 33.61
N GLN B 123 -19.65 -10.33 34.05
CA GLN B 123 -19.08 -11.17 35.11
C GLN B 123 -17.61 -11.52 34.82
N ALA B 124 -16.71 -11.08 35.69
CA ALA B 124 -15.27 -11.32 35.51
C ALA B 124 -14.93 -12.74 35.95
N ASP B 125 -15.04 -13.70 35.02
CA ASP B 125 -14.76 -15.11 35.32
C ASP B 125 -13.26 -15.37 35.38
N VAL B 126 -12.50 -14.82 34.44
CA VAL B 126 -11.05 -14.88 34.47
C VAL B 126 -10.46 -13.52 34.11
N SER B 127 -9.20 -13.34 34.47
CA SER B 127 -8.47 -12.12 34.19
C SER B 127 -7.06 -12.46 33.69
N LEU B 128 -6.71 -11.96 32.50
CA LEU B 128 -5.39 -12.16 31.89
C LEU B 128 -4.80 -10.79 31.53
N ASP B 129 -3.50 -10.73 31.25
CA ASP B 129 -2.92 -9.51 30.67
C ASP B 129 -3.15 -9.51 29.16
N GLY B 130 -3.82 -8.48 28.65
CA GLY B 130 -4.16 -8.40 27.23
C GLY B 130 -2.97 -8.37 26.28
N GLY B 131 -1.88 -7.73 26.69
CA GLY B 131 -0.66 -7.67 25.90
C GLY B 131 0.00 -9.03 25.76
N GLU B 132 0.06 -9.77 26.87
CA GLU B 132 0.60 -11.13 26.85
C GLU B 132 -0.26 -12.01 25.97
N LEU B 133 -1.57 -11.91 26.14
CA LEU B 133 -2.52 -12.70 25.36
C LEU B 133 -2.43 -12.39 23.87
N SER B 134 -2.32 -11.10 23.54
CA SER B 134 -2.19 -10.68 22.14
C SER B 134 -0.92 -11.20 21.47
N ARG B 135 0.22 -11.09 22.16
N ARG B 135 0.21 -11.09 22.18
CA ARG B 135 1.49 -11.58 21.63
CA ARG B 135 1.47 -11.56 21.63
C ARG B 135 1.47 -13.10 21.50
C ARG B 135 1.50 -13.10 21.51
N ALA B 136 0.85 -13.81 22.44
CA ALA B 136 0.69 -15.26 22.32
C ALA B 136 -0.17 -15.60 21.10
N PHE B 137 -1.34 -14.95 20.96
CA PHE B 137 -2.20 -15.13 19.79
C PHE B 137 -1.43 -14.92 18.50
N SER B 138 -0.66 -13.84 18.43
CA SER B 138 0.07 -13.46 17.22
C SER B 138 1.18 -14.44 16.88
N SER B 139 1.69 -15.12 17.89
CA SER B 139 2.76 -16.09 17.71
C SER B 139 2.27 -17.42 17.15
N VAL B 140 1.00 -17.76 17.38
CA VAL B 140 0.50 -19.08 16.93
C VAL B 140 -0.55 -19.04 15.82
N ARG B 141 -1.14 -17.87 15.57
CA ARG B 141 -2.32 -17.73 14.69
C ARG B 141 -2.11 -18.31 13.28
N TYR B 142 -0.92 -18.10 12.72
CA TYR B 142 -0.63 -18.60 11.38
C TYR B 142 -0.88 -20.11 11.18
N ALA B 143 -0.82 -20.90 12.25
CA ALA B 143 -0.89 -22.35 12.14
C ALA B 143 -2.32 -22.87 11.96
N ALA B 144 -3.32 -22.06 12.31
CA ALA B 144 -4.71 -22.43 12.19
C ALA B 144 -5.11 -22.33 10.73
N SER B 145 -5.95 -23.24 10.25
CA SER B 145 -6.45 -23.14 8.88
C SER B 145 -7.94 -23.33 8.85
N ASN B 146 -8.60 -22.41 8.16
CA ASN B 146 -10.03 -22.45 7.92
C ASN B 146 -10.40 -23.62 7.01
N GLU B 147 -9.40 -24.20 6.33
CA GLU B 147 -9.60 -25.30 5.37
C GLU B 147 -9.27 -26.70 5.93
N ALA B 148 -8.95 -26.80 7.22
CA ALA B 148 -8.67 -28.10 7.85
C ALA B 148 -9.93 -28.96 7.88
N PHE B 149 -9.77 -30.28 7.72
CA PHE B 149 -10.90 -31.20 7.77
C PHE B 149 -11.59 -31.16 9.14
N GLN B 150 -10.78 -31.09 10.19
CA GLN B 150 -11.31 -31.05 11.55
C GLN B 150 -11.60 -29.62 11.91
N ALA B 151 -12.87 -29.34 12.16
CA ALA B 151 -13.33 -27.99 12.49
C ALA B 151 -12.53 -27.36 13.65
N VAL B 152 -12.18 -28.16 14.66
CA VAL B 152 -11.39 -27.64 15.79
C VAL B 152 -10.08 -26.98 15.36
N PHE B 153 -9.46 -27.45 14.27
CA PHE B 153 -8.17 -26.89 13.82
C PHE B 153 -8.33 -25.52 13.15
N ARG B 154 -9.59 -25.11 12.95
CA ARG B 154 -9.88 -23.78 12.41
C ARG B 154 -9.85 -22.73 13.52
N GLY B 155 -9.63 -23.15 14.76
CA GLY B 155 -9.54 -22.23 15.91
C GLY B 155 -8.23 -22.31 16.67
N ILE B 156 -8.10 -21.44 17.68
CA ILE B 156 -6.92 -21.43 18.53
C ILE B 156 -7.33 -21.93 19.91
N LYS B 157 -6.65 -22.96 20.38
CA LYS B 157 -6.94 -23.53 21.71
C LYS B 157 -6.28 -22.66 22.76
N LEU B 158 -7.02 -22.34 23.82
CA LEU B 158 -6.45 -21.74 25.03
C LEU B 158 -6.55 -22.75 26.18
N GLU B 159 -5.42 -23.02 26.82
CA GLU B 159 -5.32 -23.94 27.96
C GLU B 159 -4.89 -23.16 29.19
N HIS B 160 -5.50 -23.45 30.34
CA HIS B 160 -5.07 -22.87 31.61
C HIS B 160 -4.30 -23.88 32.45
N HIS B 161 -3.21 -23.42 33.06
CA HIS B 161 -2.36 -24.25 33.92
C HIS B 161 -1.93 -23.45 35.13
N GLY B 162 -2.91 -22.96 35.90
CA GLY B 162 -2.64 -22.25 37.15
C GLY B 162 -2.10 -20.84 36.93
N GLU B 163 -0.82 -20.64 37.19
CA GLU B 163 -0.16 -19.35 36.96
C GLU B 163 0.33 -19.18 35.50
N SER B 164 0.14 -20.20 34.67
CA SER B 164 0.53 -20.13 33.28
C SER B 164 -0.64 -20.52 32.40
N ALA B 165 -0.67 -20.00 31.18
CA ALA B 165 -1.63 -20.44 30.18
C ALA B 165 -0.87 -20.72 28.88
N ARG B 166 -1.55 -21.34 27.92
CA ARG B 166 -0.95 -21.71 26.67
C ARG B 166 -1.97 -21.54 25.54
N VAL B 167 -1.51 -21.01 24.41
CA VAL B 167 -2.30 -21.05 23.18
C VAL B 167 -1.63 -21.95 22.17
N VAL B 168 -2.44 -22.67 21.41
CA VAL B 168 -1.98 -23.65 20.44
C VAL B 168 -2.81 -23.56 19.17
N ALA B 169 -2.14 -23.61 18.04
CA ALA B 169 -2.80 -23.75 16.75
C ALA B 169 -2.09 -24.81 15.95
N SER B 170 -2.85 -25.44 15.04
CA SER B 170 -2.31 -26.51 14.23
C SER B 170 -3.22 -26.78 13.03
N ASP B 171 -2.65 -27.42 12.01
CA ASP B 171 -3.42 -28.03 10.92
C ASP B 171 -3.32 -29.55 10.96
N GLY B 172 -2.91 -30.12 12.10
CA GLY B 172 -2.72 -31.58 12.22
C GLY B 172 -1.33 -32.07 11.90
N TYR B 173 -0.50 -31.18 11.35
CA TYR B 173 0.87 -31.51 10.97
C TYR B 173 1.82 -30.49 11.60
N ARG B 174 1.73 -29.22 11.19
CA ARG B 174 2.48 -28.17 11.90
C ARG B 174 1.72 -27.68 13.12
N VAL B 175 2.46 -27.20 14.11
CA VAL B 175 1.90 -26.77 15.39
C VAL B 175 2.65 -25.50 15.80
N ALA B 176 1.93 -24.55 16.37
CA ALA B 176 2.53 -23.37 16.99
C ALA B 176 1.96 -23.30 18.41
N ILE B 177 2.85 -23.12 19.38
CA ILE B 177 2.53 -23.06 20.80
C ILE B 177 3.21 -21.83 21.40
N ARG B 178 2.49 -21.11 22.25
CA ARG B 178 3.11 -20.14 23.12
C ARG B 178 2.53 -20.20 24.53
N ASP B 179 3.41 -20.37 25.51
CA ASP B 179 3.08 -20.32 26.94
C ASP B 179 3.25 -18.88 27.39
N PHE B 180 2.37 -18.41 28.28
CA PHE B 180 2.42 -17.04 28.78
C PHE B 180 1.82 -16.95 30.21
N PRO B 181 2.21 -15.91 30.99
CA PRO B 181 1.69 -15.76 32.36
C PRO B 181 0.17 -15.56 32.42
N ALA B 182 -0.48 -16.19 33.40
CA ALA B 182 -1.93 -16.14 33.54
C ALA B 182 -2.31 -15.92 35.00
N SER B 183 -3.31 -15.08 35.23
CA SER B 183 -3.74 -14.73 36.59
C SER B 183 -4.91 -15.61 37.02
N GLY B 184 -4.62 -16.71 37.71
CA GLY B 184 -5.68 -17.61 38.18
C GLY B 184 -6.16 -18.52 37.09
N ASP B 185 -7.11 -19.38 37.45
CA ASP B 185 -7.45 -20.52 36.59
C ASP B 185 -8.76 -20.30 35.85
N GLY B 186 -8.89 -20.99 34.72
CA GLY B 186 -9.99 -20.76 33.78
C GLY B 186 -10.38 -21.99 32.99
N LYS B 187 -11.32 -21.80 32.07
CA LYS B 187 -11.89 -22.86 31.25
C LYS B 187 -11.08 -22.94 29.96
N ASN B 188 -10.74 -24.16 29.54
CA ASN B 188 -10.14 -24.33 28.23
C ASN B 188 -11.16 -23.97 27.13
N LEU B 189 -10.69 -23.29 26.10
CA LEU B 189 -11.50 -22.66 25.06
C LEU B 189 -10.88 -22.92 23.69
N ILE B 190 -11.71 -22.94 22.65
CA ILE B 190 -11.24 -22.89 21.28
C ILE B 190 -11.90 -21.65 20.62
N ILE B 191 -11.08 -20.69 20.22
CA ILE B 191 -11.53 -19.41 19.64
C ILE B 191 -11.38 -19.43 18.12
N PRO B 192 -12.44 -19.08 17.36
CA PRO B 192 -12.31 -19.09 15.90
C PRO B 192 -11.17 -18.17 15.45
N ALA B 193 -10.35 -18.62 14.49
CA ALA B 193 -9.14 -17.88 14.07
C ALA B 193 -9.44 -16.44 13.64
N ARG B 194 -10.48 -16.25 12.85
CA ARG B 194 -10.87 -14.88 12.44
C ARG B 194 -11.25 -14.00 13.65
N SER B 195 -11.81 -14.59 14.69
CA SER B 195 -12.11 -13.85 15.92
C SER B 195 -10.84 -13.54 16.73
N VAL B 196 -9.86 -14.43 16.68
CA VAL B 196 -8.54 -14.09 17.22
C VAL B 196 -7.96 -12.87 16.51
N ASP B 197 -8.09 -12.79 15.18
CA ASP B 197 -7.60 -11.63 14.43
C ASP B 197 -8.21 -10.34 14.94
N GLU B 198 -9.51 -10.38 15.23
CA GLU B 198 -10.20 -9.20 15.75
C GLU B 198 -9.73 -8.87 17.15
N LEU B 199 -9.49 -9.91 17.96
CA LEU B 199 -9.01 -9.71 19.34
C LEU B 199 -7.64 -9.07 19.34
N ILE B 200 -6.74 -9.55 18.47
CA ILE B 200 -5.41 -8.95 18.31
C ILE B 200 -5.51 -7.46 18.00
N ARG B 201 -6.51 -7.07 17.19
CA ARG B 201 -6.66 -5.67 16.80
C ARG B 201 -7.09 -4.76 17.97
N VAL B 202 -7.72 -5.31 19.01
CA VAL B 202 -8.20 -4.49 20.13
C VAL B 202 -7.43 -4.64 21.45
N LEU B 203 -6.74 -5.75 21.64
CA LEU B 203 -6.04 -5.97 22.91
C LEU B 203 -4.86 -5.02 23.06
N LYS B 204 -4.71 -4.46 24.26
CA LYS B 204 -3.53 -3.66 24.61
C LYS B 204 -2.97 -4.16 25.93
N ASP B 205 -1.78 -3.66 26.32
CA ASP B 205 -1.24 -3.96 27.65
C ASP B 205 -2.25 -3.57 28.72
N GLY B 206 -2.35 -4.39 29.77
CA GLY B 206 -3.32 -4.16 30.83
C GLY B 206 -4.29 -5.31 30.85
N GLU B 207 -5.28 -5.22 31.73
CA GLU B 207 -6.14 -6.34 32.04
C GLU B 207 -7.21 -6.60 30.97
N ALA B 208 -7.37 -7.86 30.61
CA ALA B 208 -8.48 -8.30 29.76
C ALA B 208 -9.31 -9.34 30.57
N ARG B 209 -10.62 -9.10 30.70
CA ARG B 209 -11.50 -9.95 31.50
C ARG B 209 -12.39 -10.83 30.60
N PHE B 210 -12.49 -12.11 30.94
CA PHE B 210 -13.34 -13.05 30.20
C PHE B 210 -14.64 -13.27 30.95
N THR B 211 -15.75 -13.24 30.23
CA THR B 211 -17.05 -13.67 30.74
C THR B 211 -17.51 -14.85 29.89
N TYR B 212 -17.63 -16.03 30.49
CA TYR B 212 -18.04 -17.25 29.79
C TYR B 212 -19.53 -17.25 29.52
N GLY B 213 -19.91 -17.69 28.34
CA GLY B 213 -21.32 -17.81 27.98
C GLY B 213 -21.56 -19.16 27.35
N ASP B 214 -22.76 -19.36 26.83
CA ASP B 214 -23.11 -20.60 26.20
C ASP B 214 -22.65 -20.55 24.74
N GLY B 215 -21.61 -21.29 24.42
CA GLY B 215 -21.01 -21.28 23.08
C GLY B 215 -20.43 -19.93 22.67
N MET B 216 -20.14 -19.07 23.64
CA MET B 216 -19.63 -17.74 23.35
C MET B 216 -18.74 -17.24 24.49
N LEU B 217 -18.00 -16.19 24.20
CA LEU B 217 -17.11 -15.56 25.15
C LEU B 217 -17.26 -14.05 25.01
N THR B 218 -17.23 -13.35 26.14
CA THR B 218 -17.12 -11.90 26.12
C THR B 218 -15.78 -11.50 26.73
N VAL B 219 -15.04 -10.67 26.00
CA VAL B 219 -13.77 -10.15 26.45
C VAL B 219 -13.91 -8.65 26.68
N THR B 220 -13.55 -8.21 27.88
CA THR B 220 -13.62 -6.80 28.25
C THR B 220 -12.23 -6.29 28.60
N THR B 221 -11.88 -5.15 28.01
CA THR B 221 -10.65 -4.44 28.30
C THR B 221 -11.02 -3.06 28.82
N ASP B 222 -10.01 -2.21 29.02
CA ASP B 222 -10.26 -0.80 29.42
C ASP B 222 -11.19 -0.09 28.42
N ARG B 223 -10.92 -0.31 27.13
CA ARG B 223 -11.57 0.42 26.05
C ARG B 223 -12.85 -0.25 25.55
N VAL B 224 -12.75 -1.55 25.29
CA VAL B 224 -13.76 -2.26 24.53
C VAL B 224 -14.39 -3.49 25.21
N LYS B 225 -15.55 -3.86 24.69
CA LYS B 225 -16.18 -5.14 24.98
C LYS B 225 -16.42 -5.86 23.65
N MET B 226 -16.06 -7.14 23.59
CA MET B 226 -16.23 -7.92 22.37
C MET B 226 -16.92 -9.26 22.69
N ASN B 227 -17.99 -9.54 21.95
CA ASN B 227 -18.63 -10.86 21.95
C ASN B 227 -18.11 -11.69 20.77
N LEU B 228 -17.78 -12.95 21.03
CA LEU B 228 -17.38 -13.88 19.97
C LEU B 228 -17.86 -15.28 20.27
N LYS B 229 -17.95 -16.08 19.22
CA LYS B 229 -18.37 -17.46 19.34
C LYS B 229 -17.18 -18.28 19.77
N LEU B 230 -17.45 -19.42 20.38
CA LEU B 230 -16.41 -20.39 20.71
C LEU B 230 -16.73 -21.67 19.93
N LEU B 231 -15.70 -22.41 19.53
CA LEU B 231 -15.91 -23.68 18.84
C LEU B 231 -16.13 -24.82 19.82
N ASP B 232 -17.00 -25.77 19.45
CA ASP B 232 -17.23 -26.99 20.21
C ASP B 232 -16.21 -28.07 19.87
N GLY B 233 -16.17 -29.14 20.65
CA GLY B 233 -15.31 -30.29 20.34
C GLY B 233 -14.02 -30.26 21.13
N ASP B 234 -13.28 -31.37 21.10
CA ASP B 234 -12.03 -31.47 21.82
C ASP B 234 -10.89 -31.15 20.86
N PHE B 235 -10.02 -30.21 21.22
CA PHE B 235 -8.83 -29.95 20.42
C PHE B 235 -8.01 -31.24 20.41
N PRO B 236 -7.45 -31.64 19.26
CA PRO B 236 -6.75 -32.95 19.20
C PRO B 236 -5.46 -32.99 20.01
N ASP B 237 -4.92 -34.19 20.20
CA ASP B 237 -3.69 -34.37 20.94
C ASP B 237 -2.48 -33.97 20.08
N TYR B 238 -2.17 -32.68 20.08
CA TYR B 238 -1.00 -32.14 19.39
C TYR B 238 0.36 -32.63 19.95
N GLU B 239 0.40 -33.05 21.22
CA GLU B 239 1.65 -33.58 21.82
C GLU B 239 2.23 -34.72 21.04
N ARG B 240 1.35 -35.57 20.50
CA ARG B 240 1.80 -36.77 19.80
C ARG B 240 2.59 -36.44 18.54
N VAL B 241 2.38 -35.26 17.94
CA VAL B 241 3.11 -34.91 16.72
C VAL B 241 4.38 -34.10 16.99
N ILE B 242 4.65 -33.80 18.27
CA ILE B 242 5.88 -33.10 18.64
C ILE B 242 6.99 -34.15 18.75
N PRO B 243 8.09 -33.97 17.99
CA PRO B 243 9.16 -34.96 18.04
C PRO B 243 9.95 -34.91 19.36
N LYS B 244 10.21 -36.07 19.95
CA LYS B 244 10.98 -36.15 21.20
C LYS B 244 12.43 -36.65 20.98
N ASP B 245 12.70 -37.29 19.85
CA ASP B 245 14.01 -37.89 19.59
C ASP B 245 14.83 -37.01 18.65
N ILE B 246 15.53 -36.02 19.21
CA ILE B 246 16.25 -35.03 18.43
C ILE B 246 17.68 -35.50 18.14
N LYS B 247 18.08 -35.49 16.86
CA LYS B 247 19.37 -35.99 16.42
C LYS B 247 20.37 -34.89 16.09
N LEU B 248 19.88 -33.70 15.78
CA LEU B 248 20.72 -32.60 15.32
C LEU B 248 20.10 -31.26 15.70
N GLN B 249 20.91 -30.39 16.26
CA GLN B 249 20.48 -29.07 16.70
C GLN B 249 21.40 -28.05 16.03
N VAL B 250 20.83 -27.03 15.40
CA VAL B 250 21.61 -25.96 14.79
C VAL B 250 21.13 -24.64 15.40
N THR B 251 22.08 -23.75 15.70
CA THR B 251 21.76 -22.43 16.23
C THR B 251 22.34 -21.37 15.26
N LEU B 252 21.55 -20.36 14.93
CA LEU B 252 21.98 -19.28 14.03
C LEU B 252 21.01 -18.10 14.16
N PRO B 253 21.42 -16.92 13.67
CA PRO B 253 20.58 -15.73 13.76
C PRO B 253 19.28 -15.90 12.99
N ALA B 254 18.14 -15.62 13.65
CA ALA B 254 16.83 -15.82 13.04
C ALA B 254 16.67 -14.93 11.80
N THR B 255 17.14 -13.69 11.86
CA THR B 255 16.96 -12.78 10.75
C THR B 255 17.74 -13.20 9.51
N ALA B 256 18.98 -13.64 9.72
CA ALA B 256 19.80 -14.13 8.61
C ALA B 256 19.11 -15.33 7.95
N LEU B 257 18.57 -16.22 8.76
CA LEU B 257 17.91 -17.42 8.23
C LEU B 257 16.64 -17.05 7.47
N LYS B 258 15.86 -16.11 8.01
CA LYS B 258 14.63 -15.68 7.34
C LYS B 258 14.96 -15.07 5.98
N GLU B 259 15.98 -14.22 5.95
CA GLU B 259 16.34 -13.54 4.70
C GLU B 259 16.93 -14.50 3.67
N ALA B 260 17.65 -15.52 4.13
CA ALA B 260 18.19 -16.54 3.25
C ALA B 260 17.09 -17.45 2.67
N VAL B 261 16.13 -17.85 3.49
CA VAL B 261 15.04 -18.71 3.02
C VAL B 261 14.21 -17.93 2.00
N ASN B 262 13.92 -16.66 2.32
CA ASN B 262 13.18 -15.80 1.44
C ASN B 262 13.82 -15.67 0.06
N ARG B 263 15.10 -15.34 0.01
CA ARG B 263 15.75 -15.13 -1.27
C ARG B 263 15.87 -16.41 -2.10
N VAL B 264 16.22 -17.54 -1.47
CA VAL B 264 16.39 -18.81 -2.19
C VAL B 264 15.03 -19.33 -2.72
N ALA B 265 13.96 -19.14 -1.95
CA ALA B 265 12.63 -19.67 -2.30
C ALA B 265 12.08 -19.07 -3.58
N VAL B 266 12.61 -17.92 -4.00
CA VAL B 266 12.14 -17.31 -5.23
C VAL B 266 12.31 -18.24 -6.43
N LEU B 267 13.32 -19.13 -6.42
CA LEU B 267 13.53 -20.05 -7.54
C LEU B 267 12.86 -21.44 -7.40
N ALA B 268 12.12 -21.65 -6.31
CA ALA B 268 11.29 -22.88 -6.17
C ALA B 268 10.19 -22.88 -7.20
N ASP B 269 9.74 -24.07 -7.58
CA ASP B 269 8.68 -24.15 -8.58
C ASP B 269 7.39 -23.56 -8.04
N LYS B 270 6.66 -22.88 -8.93
CA LYS B 270 5.44 -22.11 -8.59
C LYS B 270 4.49 -22.89 -7.70
N ASN B 271 4.43 -24.21 -7.88
CA ASN B 271 3.89 -25.06 -6.85
C ASN B 271 4.45 -26.47 -6.80
N ALA B 272 5.61 -26.58 -6.12
CA ALA B 272 6.07 -27.80 -5.51
C ALA B 272 6.20 -27.51 -4.01
N ASN B 273 5.16 -26.91 -3.42
CA ASN B 273 5.12 -26.62 -1.99
C ASN B 273 6.23 -25.67 -1.51
N ASN B 274 6.58 -24.70 -2.36
CA ASN B 274 7.64 -23.74 -2.05
C ASN B 274 8.89 -24.45 -1.53
N ARG B 275 9.32 -25.50 -2.22
CA ARG B 275 10.39 -26.37 -1.72
C ARG B 275 11.76 -25.64 -1.49
N VAL B 276 12.26 -25.71 -0.25
CA VAL B 276 13.64 -25.30 0.05
C VAL B 276 14.37 -26.45 0.77
N GLU B 277 15.53 -26.83 0.24
CA GLU B 277 16.34 -27.88 0.82
C GLU B 277 17.25 -27.27 1.88
N PHE B 278 17.37 -27.95 3.02
CA PHE B 278 18.25 -27.55 4.12
C PHE B 278 19.34 -28.60 4.18
N LEU B 279 20.60 -28.22 4.03
CA LEU B 279 21.72 -29.15 4.20
C LEU B 279 22.63 -28.64 5.30
N VAL B 280 22.70 -29.38 6.41
CA VAL B 280 23.59 -29.04 7.51
C VAL B 280 24.85 -29.91 7.43
N SER B 281 26.01 -29.27 7.44
CA SER B 281 27.26 -29.99 7.55
C SER B 281 28.41 -29.06 7.86
N GLU B 282 29.30 -29.55 8.72
CA GLU B 282 30.55 -28.90 9.07
C GLU B 282 30.33 -27.45 9.46
N GLY B 283 29.37 -27.22 10.33
CA GLY B 283 29.10 -25.89 10.85
C GLY B 283 28.55 -24.91 9.84
N THR B 284 27.95 -25.42 8.77
CA THR B 284 27.23 -24.56 7.84
C THR B 284 25.84 -25.11 7.55
N LEU B 285 24.91 -24.20 7.26
CA LEU B 285 23.61 -24.56 6.73
C LEU B 285 23.51 -24.01 5.31
N ARG B 286 23.28 -24.91 4.35
CA ARG B 286 23.08 -24.50 2.97
C ARG B 286 21.61 -24.65 2.60
N LEU B 287 21.05 -23.59 2.04
CA LEU B 287 19.67 -23.59 1.55
C LEU B 287 19.72 -23.63 0.04
N ALA B 288 18.87 -24.46 -0.57
CA ALA B 288 18.81 -24.58 -2.03
C ALA B 288 17.35 -24.72 -2.52
N ALA B 289 17.08 -24.14 -3.67
CA ALA B 289 15.83 -24.31 -4.38
C ALA B 289 16.14 -24.34 -5.88
N GLU B 290 15.23 -24.95 -6.63
CA GLU B 290 15.43 -25.14 -8.05
C GLU B 290 14.07 -25.27 -8.72
N GLY B 291 13.95 -24.74 -9.93
CA GLY B 291 12.70 -24.79 -10.67
C GLY B 291 12.98 -24.57 -12.15
N ASP B 292 11.92 -24.26 -12.89
CA ASP B 292 12.04 -24.10 -14.33
C ASP B 292 12.88 -22.89 -14.76
N TYR B 293 12.97 -21.88 -13.91
CA TYR B 293 13.66 -20.63 -14.26
C TYR B 293 15.13 -20.60 -13.87
N GLY B 294 15.49 -21.47 -12.94
CA GLY B 294 16.87 -21.55 -12.50
C GLY B 294 17.01 -22.21 -11.16
N ARG B 295 18.04 -21.83 -10.43
CA ARG B 295 18.45 -22.51 -9.22
C ARG B 295 19.12 -21.51 -8.29
N ALA B 296 19.00 -21.72 -6.98
CA ALA B 296 19.55 -20.81 -6.00
C ALA B 296 20.13 -21.58 -4.84
N GLN B 297 21.17 -20.98 -4.24
CA GLN B 297 21.77 -21.52 -3.05
C GLN B 297 22.33 -20.37 -2.18
N ASP B 298 22.16 -20.50 -0.87
CA ASP B 298 22.75 -19.59 0.13
C ASP B 298 23.35 -20.43 1.28
N THR B 299 24.52 -20.03 1.76
CA THR B 299 25.20 -20.76 2.83
C THR B 299 25.39 -19.84 4.06
N LEU B 300 25.05 -20.37 5.23
CA LEU B 300 25.14 -19.65 6.51
C LEU B 300 25.97 -20.44 7.54
N SER B 301 26.78 -19.72 8.30
CA SER B 301 27.53 -20.31 9.41
C SER B 301 26.58 -20.55 10.55
N VAL B 302 26.68 -21.74 11.16
CA VAL B 302 25.84 -22.11 12.29
C VAL B 302 26.68 -22.77 13.36
N THR B 303 26.13 -22.89 14.55
CA THR B 303 26.71 -23.79 15.54
C THR B 303 25.82 -25.03 15.55
N GLN B 304 26.42 -26.17 15.79
CA GLN B 304 25.76 -27.44 15.53
C GLN B 304 26.08 -28.41 16.66
N GLY B 305 25.11 -29.24 17.07
CA GLY B 305 25.37 -30.32 18.02
C GLY B 305 24.42 -31.48 17.85
N GLY B 306 24.73 -32.61 18.47
CA GLY B 306 23.85 -33.78 18.46
C GLY B 306 24.55 -35.04 18.00
N THR B 307 23.76 -36.07 17.77
CA THR B 307 24.22 -37.39 17.41
C THR B 307 24.63 -37.55 15.93
N GLU B 308 23.99 -36.77 15.06
CA GLU B 308 24.34 -36.76 13.63
C GLU B 308 25.16 -35.51 13.35
N GLN B 309 26.16 -35.63 12.49
CA GLN B 309 26.96 -34.48 12.11
C GLN B 309 26.44 -33.81 10.84
N ALA B 310 25.59 -34.50 10.08
CA ALA B 310 25.10 -33.98 8.81
C ALA B 310 23.67 -34.43 8.54
N MET B 311 22.91 -33.60 7.86
CA MET B 311 21.52 -33.94 7.52
C MET B 311 21.02 -33.11 6.36
N SER B 312 20.18 -33.73 5.55
CA SER B 312 19.54 -33.09 4.41
C SER B 312 18.01 -33.19 4.52
N LEU B 313 17.34 -32.05 4.52
CA LEU B 313 15.89 -32.01 4.67
C LEU B 313 15.27 -31.09 3.64
N ALA B 314 13.98 -31.22 3.44
CA ALA B 314 13.24 -30.28 2.62
C ALA B 314 11.99 -29.77 3.36
N PHE B 315 11.75 -28.46 3.24
CA PHE B 315 10.63 -27.77 3.87
C PHE B 315 9.90 -26.85 2.91
N ASN B 316 8.62 -26.61 3.20
CA ASN B 316 7.84 -25.52 2.62
C ASN B 316 8.38 -24.20 3.15
N ALA B 317 9.03 -23.43 2.28
CA ALA B 317 9.66 -22.17 2.68
C ALA B 317 8.69 -21.19 3.34
N ARG B 318 7.46 -21.16 2.86
CA ARG B 318 6.45 -20.29 3.47
C ARG B 318 6.17 -20.71 4.91
N HIS B 319 6.06 -22.00 5.15
CA HIS B 319 5.87 -22.50 6.51
C HIS B 319 7.09 -22.28 7.40
N VAL B 320 8.28 -22.32 6.81
CA VAL B 320 9.50 -21.99 7.52
C VAL B 320 9.47 -20.54 8.03
N LEU B 321 9.10 -19.62 7.14
CA LEU B 321 9.07 -18.21 7.50
C LEU B 321 7.97 -17.95 8.55
N ASP B 322 6.82 -18.62 8.40
CA ASP B 322 5.75 -18.54 9.40
C ASP B 322 6.29 -18.93 10.77
N ALA B 323 6.98 -20.06 10.82
CA ALA B 323 7.47 -20.62 12.07
C ALA B 323 8.56 -19.76 12.73
N LEU B 324 9.43 -19.17 11.92
CA LEU B 324 10.51 -18.30 12.42
C LEU B 324 10.04 -16.89 12.82
N GLY B 325 8.86 -16.49 12.34
CA GLY B 325 8.33 -15.13 12.56
C GLY B 325 8.50 -14.60 13.97
N PRO B 326 7.99 -15.34 14.99
CA PRO B 326 8.06 -14.90 16.39
C PRO B 326 9.44 -14.98 17.05
N ILE B 327 10.44 -15.50 16.34
CA ILE B 327 11.75 -15.70 16.95
C ILE B 327 12.61 -14.48 16.66
N ASP B 328 13.13 -13.89 17.73
CA ASP B 328 14.12 -12.81 17.64
C ASP B 328 15.46 -13.31 18.20
N GLY B 329 16.53 -12.69 17.76
CA GLY B 329 17.85 -13.16 18.16
C GLY B 329 18.16 -14.50 17.52
N ASP B 330 18.67 -15.43 18.30
CA ASP B 330 19.13 -16.69 17.71
C ASP B 330 17.98 -17.66 17.68
N ALA B 331 17.88 -18.37 16.57
CA ALA B 331 16.93 -19.45 16.42
C ALA B 331 17.67 -20.76 16.69
N GLU B 332 16.96 -21.70 17.28
CA GLU B 332 17.42 -23.05 17.50
C GLU B 332 16.54 -23.95 16.63
N LEU B 333 17.15 -24.74 15.76
CA LEU B 333 16.43 -25.69 14.90
C LEU B 333 16.78 -27.11 15.35
N LEU B 334 15.77 -27.89 15.73
CA LEU B 334 15.96 -29.23 16.25
C LEU B 334 15.36 -30.22 15.27
N PHE B 335 16.21 -31.10 14.74
CA PHE B 335 15.81 -32.07 13.74
C PHE B 335 15.77 -33.47 14.32
N SER B 336 14.68 -34.18 14.05
CA SER B 336 14.53 -35.56 14.48
C SER B 336 14.95 -36.55 13.38
N GLY B 337 15.19 -36.07 12.17
CA GLY B 337 15.48 -36.97 11.04
C GLY B 337 15.19 -36.29 9.71
N SER B 338 15.74 -36.83 8.63
CA SER B 338 15.69 -36.15 7.35
C SER B 338 14.26 -36.02 6.82
N THR B 339 13.37 -36.94 7.21
CA THR B 339 11.97 -36.87 6.79
C THR B 339 10.97 -36.94 7.96
N SER B 340 11.39 -36.52 9.15
CA SER B 340 10.47 -36.46 10.29
C SER B 340 10.44 -35.05 10.91
N PRO B 341 9.51 -34.80 11.86
CA PRO B 341 9.29 -33.39 12.17
C PRO B 341 10.43 -32.69 12.91
N ALA B 342 10.46 -31.38 12.78
CA ALA B 342 11.48 -30.51 13.37
C ALA B 342 10.82 -29.50 14.32
N ILE B 343 11.61 -28.99 15.26
CA ILE B 343 11.15 -27.97 16.19
C ILE B 343 12.00 -26.72 15.92
N PHE B 344 11.34 -25.58 15.75
CA PHE B 344 12.02 -24.29 15.69
C PHE B 344 11.63 -23.49 16.94
N ARG B 345 12.60 -22.91 17.63
CA ARG B 345 12.34 -22.12 18.83
C ARG B 345 13.46 -21.08 19.06
N ALA B 346 13.29 -20.20 20.02
CA ALA B 346 14.38 -19.31 20.50
C ALA B 346 15.33 -20.12 21.36
N VAL B 347 16.57 -19.65 21.52
CA VAL B 347 17.55 -20.36 22.35
C VAL B 347 16.96 -20.80 23.70
N GLY B 348 17.10 -22.09 24.01
CA GLY B 348 16.56 -22.67 25.25
C GLY B 348 15.05 -22.72 25.39
N GLY B 349 14.31 -22.48 24.31
CA GLY B 349 12.86 -22.32 24.39
C GLY B 349 12.42 -21.05 25.11
N GLY B 350 13.33 -20.08 25.21
CA GLY B 350 13.07 -18.87 25.98
C GLY B 350 11.88 -18.12 25.38
N GLY B 351 11.06 -17.53 26.24
CA GLY B 351 9.90 -16.75 25.78
C GLY B 351 8.63 -17.59 25.67
N GLY B 352 8.78 -18.91 25.68
CA GLY B 352 7.64 -19.82 25.75
C GLY B 352 7.09 -20.25 24.39
N TYR B 353 7.78 -19.89 23.31
CA TYR B 353 7.32 -20.19 21.95
C TYR B 353 7.99 -21.43 21.39
N MET B 354 7.22 -22.19 20.62
CA MET B 354 7.75 -23.34 19.92
C MET B 354 6.91 -23.59 18.68
N ALA B 355 7.58 -23.87 17.56
CA ALA B 355 6.94 -24.27 16.31
C ALA B 355 7.34 -25.71 15.98
N VAL B 356 6.38 -26.53 15.58
CA VAL B 356 6.68 -27.85 15.04
C VAL B 356 6.40 -27.81 13.54
N MET B 357 7.39 -28.24 12.76
CA MET B 357 7.35 -28.24 11.30
C MET B 357 7.43 -29.68 10.78
N VAL B 358 6.65 -30.02 9.77
CA VAL B 358 6.83 -31.27 9.06
C VAL B 358 7.71 -31.05 7.84
N THR B 359 8.44 -32.09 7.43
CA THR B 359 9.22 -32.07 6.20
C THR B 359 8.32 -32.34 4.98
N LEU B 360 8.81 -31.97 3.79
CA LEU B 360 8.15 -32.33 2.54
C LEU B 360 8.51 -33.75 2.15
N ARG B 361 7.60 -34.43 1.46
CA ARG B 361 7.93 -35.67 0.73
C ARG B 361 8.90 -35.34 -0.41
#